data_5GQG
#
_entry.id   5GQG
#
_cell.length_a   64.103
_cell.length_b   144.061
_cell.length_c   144.445
_cell.angle_alpha   90.00
_cell.angle_beta   90.00
_cell.angle_gamma   90.00
#
_symmetry.space_group_name_H-M   'P 21 21 21'
#
loop_
_entity.id
_entity.type
_entity.pdbx_description
1 polymer Lacto-N-biosidase
2 branched beta-D-galactopyranose-(1-3)-2-acetamido-2-deoxy-beta-D-galactopyranose
3 non-polymer 'CALCIUM ION'
4 water water
#
_entity_poly.entity_id   1
_entity_poly.type   'polypeptide(L)'
_entity_poly.pdbx_seq_one_letter_code
;MQSATQGKETATTTSSGTTYYVSSAHGDDANAGTSENAPWKSLTKVNDIASDLGPGDSVLLEYGSEFNDQYLHIKDTAGN
ADAPITISAYGDADEGKPVIASNGVKGSQWEQDYRANVGNHKNKGTVSTTLLLKDVSYITVSNLEITNDDADVYDPIDTW
KWTDTPDSDGTKLDRSASRMDRTGVAGIAENGATMSNVTLDNLYIHDVDGNIYNKHMANGGIYFMAHYPMENTSAETDVW
LREHVSRFDHVTIRNSTVKDVDRWGIAVGYTAYLNYIDANYGDGSIDDALIAKYGSTNVRIENNYVKGAGGDAITLMYCD
RPVIEHNVGDSVSKHINTQDYTQPGSYGGRVAAGIWPWRCKDPVFQYNEMYNNLNAEHGNGDGQAWDADYGDGTLYQYNY
SYGNSFASLMICNWYAVNTTFRYNISQNDRQGVFDLPSNGPGNHIYNNTVYVDADSQVLTKRSNSQSLFENNIFINATNT
KKTETWNRGSQNGGQTYDNNMYVNYANKPTSDANAIEADDVSAVLAGAGSAPTSALKSGAEHARTGEKAAFDGYRPVAGS
KAINAGKVVSDLNDYAVENDFLGNAVKGRPDLGAVEAALEHHHHHH
;
_entity_poly.pdbx_strand_id   A,B
#
loop_
_chem_comp.id
_chem_comp.type
_chem_comp.name
_chem_comp.formula
CA non-polymer 'CALCIUM ION' 'Ca 2'
GAL D-saccharide, beta linking beta-D-galactopyranose 'C6 H12 O6'
NGA D-saccharide, beta linking 2-acetamido-2-deoxy-beta-D-galactopyranose 'C8 H15 N O6'
#
# COMPACT_ATOMS: atom_id res chain seq x y z
N GLY A 17 35.50 18.32 26.70
CA GLY A 17 35.21 16.84 26.69
C GLY A 17 36.36 15.96 26.19
N THR A 18 36.08 14.66 26.02
CA THR A 18 37.05 13.61 25.63
C THR A 18 37.17 13.44 24.10
N THR A 19 38.16 12.67 23.67
CA THR A 19 38.38 12.36 22.27
C THR A 19 39.00 10.99 22.17
N TYR A 20 38.29 10.05 21.57
CA TYR A 20 38.79 8.69 21.39
C TYR A 20 39.37 8.60 19.98
N TYR A 21 40.13 7.54 19.69
CA TYR A 21 40.91 7.39 18.44
C TYR A 21 40.80 5.96 17.93
N VAL A 22 40.79 5.77 16.60
CA VAL A 22 40.66 4.41 15.98
C VAL A 22 41.55 4.21 14.73
N SER A 23 42.14 3.02 14.58
CA SER A 23 43.10 2.66 13.51
C SER A 23 42.96 1.18 13.20
N SER A 24 42.57 0.80 11.98
CA SER A 24 42.30 -0.61 11.65
C SER A 24 43.53 -1.50 11.57
N ALA A 25 44.71 -0.90 11.43
CA ALA A 25 45.97 -1.65 11.41
C ALA A 25 46.69 -1.68 12.76
N HIS A 26 46.36 -0.76 13.68
CA HIS A 26 47.04 -0.68 15.02
C HIS A 26 46.07 -0.89 16.21
N GLY A 27 45.76 0.20 16.93
CA GLY A 27 44.77 0.23 17.99
C GLY A 27 44.81 -0.78 19.13
N ASP A 28 44.43 -2.03 18.82
CA ASP A 28 44.10 -3.09 19.79
C ASP A 28 42.97 -2.66 20.70
N ASP A 29 41.80 -3.25 20.48
CA ASP A 29 40.60 -2.88 21.23
C ASP A 29 40.83 -2.83 22.74
N ALA A 30 41.66 -3.74 23.28
CA ALA A 30 42.14 -3.66 24.67
C ALA A 30 43.18 -2.53 24.86
N ASN A 31 42.78 -1.29 24.58
CA ASN A 31 43.66 -0.11 24.61
C ASN A 31 42.94 0.86 25.55
N ALA A 32 42.63 2.07 25.14
CA ALA A 32 41.97 3.06 25.98
C ALA A 32 41.41 4.25 25.18
N GLY A 33 41.68 4.32 23.87
CA GLY A 33 41.43 5.49 23.06
C GLY A 33 42.11 6.64 23.77
N THR A 34 41.39 7.75 23.87
CA THR A 34 41.82 9.01 24.54
C THR A 34 43.00 9.79 23.90
N SER A 35 44.08 9.11 23.51
CA SER A 35 45.27 9.73 22.91
C SER A 35 45.66 9.07 21.58
N GLU A 36 46.12 9.91 20.64
CA GLU A 36 46.62 9.47 19.33
C GLU A 36 47.65 8.34 19.39
N ASN A 37 48.51 8.34 20.41
CA ASN A 37 49.45 7.23 20.62
C ASN A 37 48.70 5.93 20.87
N ALA A 38 47.60 6.02 21.61
CA ALA A 38 46.85 4.86 22.08
C ALA A 38 45.39 4.84 21.57
N PRO A 39 45.16 4.37 20.33
CA PRO A 39 43.81 4.16 19.72
C PRO A 39 43.18 2.73 19.82
N TRP A 40 41.93 2.56 19.38
CA TRP A 40 41.24 1.22 19.29
C TRP A 40 41.35 0.64 17.85
N LYS A 41 41.17 -0.67 17.68
CA LYS A 41 41.23 -1.32 16.33
C LYS A 41 39.92 -1.21 15.51
N SER A 42 38.82 -1.69 16.09
CA SER A 42 37.52 -1.69 15.43
C SER A 42 36.55 -0.69 16.05
N LEU A 43 35.37 -0.59 15.42
CA LEU A 43 34.28 0.28 15.84
C LEU A 43 33.39 -0.30 16.94
N THR A 44 33.56 -1.60 17.24
CA THR A 44 32.89 -2.26 18.41
C THR A 44 32.90 -1.43 19.70
N LYS A 45 34.08 -0.98 20.05
CA LYS A 45 34.22 -0.16 21.25
C LYS A 45 33.56 1.22 21.11
N VAL A 46 33.38 1.71 19.88
CA VAL A 46 32.76 3.03 19.64
C VAL A 46 31.25 2.94 19.72
N ASN A 47 30.68 1.86 19.18
CA ASN A 47 29.25 1.59 19.33
C ASN A 47 28.89 1.57 20.82
N ASP A 48 29.60 0.71 21.56
CA ASP A 48 29.56 0.68 23.04
C ASP A 48 29.39 2.00 23.84
N ILE A 49 29.96 3.11 23.40
CA ILE A 49 29.82 4.37 24.17
C ILE A 49 29.29 5.55 23.37
N ALA A 50 28.96 5.31 22.10
CA ALA A 50 28.38 6.35 21.24
C ALA A 50 27.30 7.04 22.01
N SER A 51 26.40 6.25 22.61
CA SER A 51 25.20 6.81 23.23
C SER A 51 25.44 7.57 24.52
N ASP A 52 26.66 7.47 25.05
CA ASP A 52 27.13 8.29 26.19
C ASP A 52 27.96 9.56 25.82
N LEU A 53 28.26 9.77 24.54
CA LEU A 53 28.77 11.06 24.05
C LEU A 53 27.57 12.00 24.07
N GLY A 54 27.68 13.31 24.36
CA GLY A 54 28.86 14.01 24.91
C GLY A 54 29.16 15.36 24.27
N PRO A 55 28.63 16.49 24.82
CA PRO A 55 29.00 17.79 24.21
C PRO A 55 30.52 18.11 24.29
N GLY A 56 31.14 18.43 23.15
CA GLY A 56 32.60 18.54 23.03
C GLY A 56 33.38 17.22 22.93
N ASP A 57 32.69 16.08 22.99
CA ASP A 57 33.33 14.80 22.76
C ASP A 57 33.60 14.65 21.25
N SER A 58 34.48 13.72 20.93
CA SER A 58 34.86 13.46 19.54
C SER A 58 35.41 12.05 19.37
N VAL A 59 35.23 11.50 18.17
CA VAL A 59 35.77 10.20 17.77
C VAL A 59 36.35 10.36 16.40
N LEU A 60 37.55 9.81 16.19
CA LEU A 60 38.36 10.11 15.02
C LEU A 60 39.03 8.84 14.56
N LEU A 61 39.04 8.64 13.25
CA LEU A 61 39.52 7.42 12.62
C LEU A 61 40.65 7.81 11.65
N GLU A 62 41.75 7.07 11.71
CA GLU A 62 42.99 7.53 11.07
C GLU A 62 42.83 7.31 9.58
N TYR A 63 43.10 8.37 8.80
CA TYR A 63 43.15 8.26 7.35
C TYR A 63 43.94 6.99 6.97
N GLY A 64 43.36 6.16 6.11
CA GLY A 64 43.97 4.90 5.70
C GLY A 64 43.29 3.70 6.33
N SER A 65 42.52 3.95 7.40
CA SER A 65 41.79 2.89 8.10
C SER A 65 40.68 2.25 7.21
N GLU A 66 40.63 0.92 7.23
CA GLU A 66 39.61 0.14 6.50
C GLU A 66 38.84 -0.85 7.42
N PHE A 67 37.68 -0.40 7.89
CA PHE A 67 36.80 -1.15 8.81
C PHE A 67 35.73 -1.96 8.09
N ASN A 68 36.03 -3.21 7.76
CA ASN A 68 35.08 -4.10 7.09
C ASN A 68 34.04 -4.77 8.01
N ASP A 69 32.96 -5.23 7.38
CA ASP A 69 31.80 -5.78 8.05
C ASP A 69 31.47 -5.01 9.34
N GLN A 70 31.63 -3.67 9.26
CA GLN A 70 31.55 -2.75 10.42
C GLN A 70 30.63 -1.54 10.14
N TYR A 71 30.30 -0.79 11.18
CA TYR A 71 29.20 0.17 11.13
C TYR A 71 29.23 1.05 12.39
N LEU A 72 28.60 2.22 12.32
CA LEU A 72 28.51 3.11 13.48
C LEU A 72 27.07 3.59 13.68
N HIS A 73 26.47 3.28 14.85
CA HIS A 73 25.03 3.50 15.03
C HIS A 73 24.52 4.67 15.88
N ILE A 74 25.00 4.89 17.09
CA ILE A 74 24.72 6.17 17.78
C ILE A 74 23.23 6.60 17.99
N LYS A 75 22.75 6.53 19.25
CA LYS A 75 21.34 6.79 19.58
C LYS A 75 21.09 7.72 20.77
N ASP A 76 20.09 8.60 20.64
CA ASP A 76 19.47 9.29 21.78
C ASP A 76 20.54 10.04 22.58
N THR A 77 21.18 10.99 21.92
CA THR A 77 22.15 11.82 22.58
C THR A 77 22.36 13.17 21.85
N ALA A 78 23.31 13.96 22.31
CA ALA A 78 23.45 15.35 21.86
C ALA A 78 24.75 15.98 22.33
N GLY A 79 25.27 16.91 21.53
CA GLY A 79 26.12 17.96 22.05
C GLY A 79 25.25 19.16 22.42
N ASN A 80 25.80 20.35 22.21
CA ASN A 80 25.04 21.60 22.39
C ASN A 80 25.72 22.61 21.48
N ALA A 81 25.14 23.81 21.37
CA ALA A 81 25.69 24.87 20.52
C ALA A 81 27.20 25.15 20.79
N ASP A 82 27.59 25.23 22.07
CA ASP A 82 29.00 25.37 22.49
C ASP A 82 29.90 24.36 21.81
N ALA A 83 29.51 23.10 21.91
CA ALA A 83 30.38 22.06 21.47
C ALA A 83 29.53 20.92 20.89
N PRO A 84 29.65 20.71 19.57
CA PRO A 84 29.16 19.50 18.99
C PRO A 84 29.95 18.27 19.37
N ILE A 85 29.28 17.13 19.30
CA ILE A 85 29.92 15.83 19.21
C ILE A 85 30.50 15.78 17.80
N THR A 86 31.62 15.11 17.61
CA THR A 86 32.28 15.11 16.31
C THR A 86 32.74 13.71 15.93
N ILE A 87 32.27 13.20 14.79
CA ILE A 87 32.78 11.95 14.23
C ILE A 87 33.54 12.34 12.97
N SER A 88 34.79 11.85 12.84
CA SER A 88 35.72 12.37 11.82
C SER A 88 37.01 11.61 11.70
N ALA A 89 37.99 12.22 11.03
CA ALA A 89 39.32 11.61 10.81
C ALA A 89 40.45 12.47 11.36
N TYR A 90 41.66 11.89 11.45
CA TYR A 90 42.86 12.56 12.03
C TYR A 90 44.20 12.21 11.31
N GLY A 91 45.00 13.24 10.96
CA GLY A 91 46.43 13.10 10.57
C GLY A 91 46.87 12.43 9.24
N ASP A 92 47.20 13.28 8.25
CA ASP A 92 47.76 12.89 6.90
C ASP A 92 46.70 12.37 5.91
N ALA A 93 45.92 13.32 5.37
CA ALA A 93 44.82 13.03 4.42
C ALA A 93 45.24 12.17 3.24
N ASP A 94 46.42 12.42 2.70
CA ASP A 94 46.92 11.70 1.51
C ASP A 94 47.11 10.17 1.75
N GLU A 95 46.25 9.59 2.57
CA GLU A 95 46.34 8.19 2.97
C GLU A 95 45.11 7.33 2.57
N GLY A 96 44.07 8.01 2.08
CA GLY A 96 42.73 7.45 1.93
C GLY A 96 41.89 7.99 3.08
N LYS A 97 40.71 8.50 2.79
CA LYS A 97 39.73 8.68 3.87
C LYS A 97 39.57 7.34 4.58
N PRO A 98 39.22 7.34 5.88
CA PRO A 98 38.91 6.07 6.54
C PRO A 98 37.60 5.48 5.97
N VAL A 99 37.65 4.22 5.56
CA VAL A 99 36.50 3.52 4.96
C VAL A 99 35.75 2.66 5.99
N ILE A 100 34.48 3.01 6.22
CA ILE A 100 33.52 2.16 6.92
C ILE A 100 32.76 1.34 5.87
N ALA A 101 32.86 0.01 5.90
CA ALA A 101 32.19 -0.87 4.92
C ALA A 101 31.39 -2.01 5.57
N SER A 102 30.16 -1.69 5.97
CA SER A 102 29.24 -2.65 6.58
C SER A 102 28.96 -3.90 5.78
N ASN A 103 28.95 -3.82 4.46
CA ASN A 103 28.57 -4.98 3.62
C ASN A 103 27.22 -5.58 4.01
N GLY A 104 26.38 -4.73 4.61
CA GLY A 104 25.08 -5.09 5.17
C GLY A 104 25.00 -6.29 6.09
N VAL A 105 26.01 -6.48 6.94
CA VAL A 105 25.95 -7.48 8.01
C VAL A 105 24.79 -7.22 8.98
N LYS A 106 24.41 -8.27 9.69
CA LYS A 106 23.35 -8.22 10.69
C LYS A 106 23.50 -7.06 11.66
N GLY A 107 24.71 -6.81 12.14
CA GLY A 107 24.91 -5.74 13.12
C GLY A 107 24.59 -4.31 12.67
N SER A 108 24.59 -4.08 11.37
CA SER A 108 24.25 -2.79 10.80
C SER A 108 22.74 -2.63 10.70
N GLN A 109 22.01 -3.73 10.83
CA GLN A 109 20.58 -3.77 10.57
C GLN A 109 19.77 -3.32 11.77
N TRP A 110 18.68 -2.63 11.48
CA TRP A 110 17.75 -2.14 12.51
C TRP A 110 16.34 -2.20 11.95
N GLU A 111 15.35 -1.99 12.82
CA GLU A 111 13.95 -2.14 12.43
C GLU A 111 13.28 -0.78 12.22
N GLN A 112 13.10 -0.40 10.95
CA GLN A 112 12.44 0.84 10.60
C GLN A 112 10.91 0.68 10.63
N ASP A 113 10.24 1.66 11.25
CA ASP A 113 8.79 1.67 11.32
C ASP A 113 8.37 3.10 11.47
N TYR A 114 7.74 3.63 10.43
CA TYR A 114 7.10 4.95 10.49
C TYR A 114 5.95 5.03 11.50
N ARG A 115 5.38 3.88 11.87
CA ARG A 115 4.27 3.80 12.82
C ARG A 115 3.08 4.67 12.40
N ALA A 116 2.84 4.67 11.09
CA ALA A 116 1.78 5.46 10.41
C ALA A 116 1.84 5.20 8.89
N ASN A 117 0.69 5.22 8.24
CA ASN A 117 0.63 5.14 6.80
C ASN A 117 1.27 6.38 6.22
N VAL A 118 2.12 6.19 5.22
CA VAL A 118 2.77 7.32 4.56
C VAL A 118 2.67 7.23 3.03
N GLY A 119 1.63 6.55 2.53
CA GLY A 119 1.38 6.39 1.08
C GLY A 119 1.55 4.96 0.64
N ASN A 120 1.39 4.69 -0.67
CA ASN A 120 1.61 3.33 -1.18
C ASN A 120 3.10 3.07 -1.32
N HIS A 121 3.68 2.66 -0.21
CA HIS A 121 5.09 2.44 -0.12
C HIS A 121 5.39 1.55 1.07
N LYS A 122 6.44 0.73 0.97
CA LYS A 122 6.88 -0.06 2.14
C LYS A 122 7.29 0.93 3.21
N ASN A 123 6.70 0.84 4.41
CA ASN A 123 6.93 1.81 5.48
C ASN A 123 7.47 1.14 6.74
N LYS A 124 7.93 -0.09 6.61
CA LYS A 124 8.35 -0.82 7.78
C LYS A 124 9.12 -2.05 7.38
N GLY A 125 10.23 -2.32 8.07
CA GLY A 125 11.03 -3.50 7.78
C GLY A 125 12.47 -3.35 8.22
N THR A 126 13.25 -4.40 7.93
CA THR A 126 14.65 -4.40 8.25
C THR A 126 15.49 -3.61 7.23
N VAL A 127 16.29 -2.71 7.78
CA VAL A 127 17.13 -1.80 7.02
C VAL A 127 18.56 -1.98 7.52
N SER A 128 19.50 -2.16 6.57
CA SER A 128 20.94 -2.14 6.88
C SER A 128 21.44 -0.73 6.73
N THR A 129 22.24 -0.28 7.69
CA THR A 129 22.73 1.09 7.65
C THR A 129 24.13 1.21 8.17
N THR A 130 24.98 1.86 7.39
CA THR A 130 26.40 1.88 7.69
C THR A 130 26.64 2.88 8.81
N LEU A 131 26.07 4.08 8.69
CA LEU A 131 26.11 5.09 9.74
C LEU A 131 24.72 5.58 10.05
N LEU A 132 24.18 5.14 11.19
CA LEU A 132 22.84 5.56 11.62
C LEU A 132 22.94 6.66 12.65
N LEU A 133 22.16 7.73 12.52
CA LEU A 133 22.09 8.79 13.52
C LEU A 133 20.64 8.89 13.97
N LYS A 134 20.33 8.16 15.05
CA LYS A 134 18.97 7.99 15.53
C LYS A 134 18.76 8.96 16.70
N ASP A 135 18.02 10.02 16.46
CA ASP A 135 17.77 11.09 17.44
C ASP A 135 19.01 11.61 18.15
N VAL A 136 20.01 11.94 17.34
CA VAL A 136 21.24 12.49 17.81
C VAL A 136 21.23 13.94 17.35
N SER A 137 21.26 14.89 18.29
CA SER A 137 21.40 16.32 17.97
C SER A 137 22.84 16.86 18.22
N TYR A 138 23.14 18.04 17.65
CA TYR A 138 24.46 18.73 17.78
C TYR A 138 25.65 17.78 17.55
N ILE A 139 25.70 17.24 16.33
CA ILE A 139 26.76 16.30 15.91
C ILE A 139 27.20 16.67 14.48
N THR A 140 28.44 16.28 14.18
CA THR A 140 29.09 16.60 12.93
C THR A 140 29.94 15.43 12.53
N VAL A 141 29.72 14.96 11.30
CA VAL A 141 30.37 13.78 10.73
C VAL A 141 31.14 14.29 9.52
N SER A 142 32.35 13.74 9.32
CA SER A 142 33.38 14.40 8.53
C SER A 142 34.37 13.45 7.93
N ASN A 143 34.76 13.71 6.69
CA ASN A 143 36.00 13.16 6.13
C ASN A 143 36.02 11.63 6.28
N LEU A 144 34.91 11.01 5.90
CA LEU A 144 34.68 9.57 6.05
C LEU A 144 34.22 9.04 4.72
N GLU A 145 34.67 7.86 4.36
CA GLU A 145 34.11 7.14 3.21
C GLU A 145 33.24 6.01 3.76
N ILE A 146 32.06 5.85 3.16
CA ILE A 146 31.03 4.92 3.60
C ILE A 146 30.54 4.06 2.41
N THR A 147 30.64 2.73 2.55
CA THR A 147 29.95 1.77 1.67
C THR A 147 28.88 0.94 2.40
N ASN A 148 28.03 0.32 1.59
CA ASN A 148 27.11 -0.71 2.05
C ASN A 148 26.90 -1.64 0.89
N ASP A 149 27.99 -2.30 0.55
CA ASP A 149 28.14 -2.98 -0.70
C ASP A 149 27.69 -4.42 -0.60
N ASP A 150 26.90 -4.84 -1.58
CA ASP A 150 26.71 -6.25 -1.91
C ASP A 150 27.79 -6.58 -2.95
N ALA A 151 28.45 -7.71 -2.77
CA ALA A 151 29.45 -8.21 -3.68
C ALA A 151 28.78 -8.86 -4.85
N ASP A 152 27.54 -9.32 -4.64
CA ASP A 152 26.72 -9.96 -5.68
C ASP A 152 25.91 -8.99 -6.56
N VAL A 153 25.89 -7.70 -6.21
CA VAL A 153 25.34 -6.64 -7.07
C VAL A 153 26.51 -5.80 -7.55
N TYR A 154 26.67 -5.64 -8.86
CA TYR A 154 27.70 -4.79 -9.44
C TYR A 154 27.13 -4.14 -10.71
N ASP A 155 27.00 -2.81 -10.76
CA ASP A 155 26.54 -2.11 -11.98
C ASP A 155 26.98 -0.64 -12.04
N PRO A 156 28.29 -0.40 -12.22
CA PRO A 156 28.81 0.93 -12.00
C PRO A 156 28.40 1.91 -13.12
N ILE A 157 28.18 3.15 -12.66
CA ILE A 157 27.68 4.24 -13.47
C ILE A 157 28.72 4.69 -14.47
N ASP A 158 29.96 4.82 -14.05
CA ASP A 158 31.06 5.22 -14.95
C ASP A 158 31.15 4.44 -16.27
N THR A 159 30.58 3.22 -16.28
CA THR A 159 30.68 2.25 -17.34
C THR A 159 29.29 1.87 -17.89
N TRP A 160 28.23 2.50 -17.37
CA TRP A 160 26.86 2.06 -17.63
C TRP A 160 26.47 2.44 -19.06
N LYS A 161 25.78 1.53 -19.73
CA LYS A 161 25.15 1.80 -21.02
C LYS A 161 23.89 0.91 -21.14
N TRP A 162 22.97 1.32 -22.02
CA TRP A 162 21.79 0.51 -22.27
C TRP A 162 22.10 -0.71 -23.19
N THR A 163 21.54 -1.85 -22.84
CA THR A 163 21.88 -3.13 -23.49
C THR A 163 20.60 -3.75 -23.96
N ASP A 164 20.65 -4.50 -25.06
CA ASP A 164 19.49 -5.29 -25.55
C ASP A 164 19.04 -6.28 -24.49
N THR A 165 20.01 -6.82 -23.76
CA THR A 165 19.76 -7.90 -22.84
C THR A 165 20.17 -7.46 -21.43
N PRO A 166 19.33 -7.72 -20.41
CA PRO A 166 19.68 -7.29 -19.06
C PRO A 166 20.91 -7.99 -18.48
N ASP A 167 21.78 -7.25 -17.79
CA ASP A 167 22.99 -7.81 -17.17
C ASP A 167 23.98 -8.52 -18.15
N SER A 168 24.04 -8.09 -19.40
CA SER A 168 24.90 -8.75 -20.43
C SER A 168 26.33 -8.19 -20.55
N ASP A 169 26.74 -7.36 -19.60
CA ASP A 169 27.97 -6.58 -19.71
C ASP A 169 28.92 -6.83 -18.51
N GLY A 170 28.79 -8.00 -17.86
CA GLY A 170 29.56 -8.31 -16.65
C GLY A 170 28.96 -7.64 -15.42
N THR A 171 27.72 -7.18 -15.55
CA THR A 171 27.00 -6.53 -14.48
C THR A 171 25.96 -7.48 -13.94
N LYS A 172 25.45 -7.20 -12.75
CA LYS A 172 24.51 -8.09 -12.09
C LYS A 172 23.67 -7.29 -11.08
N LEU A 173 22.36 -7.52 -11.12
CA LEU A 173 21.46 -6.87 -10.17
C LEU A 173 20.52 -7.83 -9.52
N ASP A 174 20.13 -7.51 -8.28
CA ASP A 174 19.07 -8.21 -7.58
C ASP A 174 17.80 -7.39 -7.77
N ARG A 175 16.95 -7.83 -8.69
CA ARG A 175 15.70 -7.12 -8.97
C ARG A 175 14.55 -7.53 -8.06
N SER A 176 14.85 -8.27 -7.02
CA SER A 176 13.86 -8.70 -6.07
C SER A 176 13.24 -7.45 -5.41
N ALA A 177 11.90 -7.45 -5.36
CA ALA A 177 11.11 -6.44 -4.66
C ALA A 177 11.26 -6.49 -3.17
N SER A 178 11.54 -7.65 -2.59
CA SER A 178 11.70 -7.74 -1.15
C SER A 178 13.16 -7.69 -0.72
N ARG A 179 14.06 -7.34 -1.62
CA ARG A 179 15.44 -7.09 -1.26
C ARG A 179 15.52 -6.14 -0.10
N MET A 180 16.53 -6.32 0.73
CA MET A 180 16.63 -5.56 1.96
C MET A 180 17.03 -4.14 1.58
N ASP A 181 16.47 -3.18 2.29
CA ASP A 181 16.81 -1.77 2.09
C ASP A 181 18.20 -1.48 2.69
N ARG A 182 18.96 -0.57 2.09
CA ARG A 182 20.28 -0.19 2.60
C ARG A 182 20.55 1.29 2.52
N THR A 183 21.12 1.82 3.59
CA THR A 183 21.54 3.21 3.63
C THR A 183 23.05 3.32 3.77
N GLY A 184 23.61 4.42 3.23
CA GLY A 184 24.95 4.86 3.63
C GLY A 184 24.80 5.53 4.99
N VAL A 185 24.15 6.68 4.98
CA VAL A 185 23.83 7.45 6.17
C VAL A 185 22.32 7.56 6.33
N ALA A 186 21.77 7.07 7.45
CA ALA A 186 20.37 7.27 7.81
C ALA A 186 20.32 8.21 8.99
N GLY A 187 19.43 9.20 8.92
CA GLY A 187 19.13 10.09 10.03
C GLY A 187 17.66 9.92 10.41
N ILE A 188 17.41 9.58 11.68
CA ILE A 188 16.11 9.10 12.16
C ILE A 188 15.67 9.85 13.40
N ALA A 189 14.53 10.54 13.31
CA ALA A 189 13.85 11.13 14.45
C ALA A 189 12.53 10.39 14.72
N GLU A 190 12.47 9.61 15.81
CA GLU A 190 11.28 8.83 16.22
C GLU A 190 10.98 8.88 17.74
N ASN A 191 11.35 9.99 18.41
CA ASN A 191 11.01 10.22 19.83
C ASN A 191 9.92 11.29 19.99
N GLY A 192 9.37 11.83 18.91
CA GLY A 192 8.32 12.84 19.03
C GLY A 192 8.91 14.18 19.39
N ALA A 193 10.16 14.35 18.98
CA ALA A 193 10.90 15.54 19.29
C ALA A 193 11.88 15.86 18.17
N THR A 194 12.23 17.15 18.11
CA THR A 194 13.19 17.70 17.17
C THR A 194 14.57 17.06 17.30
N MET A 195 15.14 16.66 16.17
CA MET A 195 16.55 16.33 16.05
C MET A 195 17.15 17.51 15.31
N SER A 196 18.24 18.05 15.85
CA SER A 196 18.74 19.34 15.37
C SER A 196 20.25 19.44 15.26
N ASN A 197 20.70 20.42 14.46
CA ASN A 197 22.13 20.77 14.31
C ASN A 197 22.99 19.57 14.01
N VAL A 198 22.56 18.81 13.00
CA VAL A 198 23.32 17.67 12.45
C VAL A 198 24.00 18.12 11.16
N THR A 199 25.23 17.64 10.94
CA THR A 199 26.07 18.19 9.88
C THR A 199 26.92 17.10 9.25
N LEU A 200 26.78 16.93 7.95
CA LEU A 200 27.54 15.90 7.22
C LEU A 200 28.46 16.67 6.29
N ASP A 201 29.76 16.44 6.43
CA ASP A 201 30.78 17.23 5.73
C ASP A 201 31.81 16.28 5.14
N ASN A 202 32.22 16.56 3.91
CA ASN A 202 32.88 15.57 3.06
C ASN A 202 31.99 14.34 2.93
N LEU A 203 32.50 13.15 3.22
CA LEU A 203 31.74 11.91 3.01
C LEU A 203 31.77 11.50 1.55
N TYR A 204 32.19 10.28 1.34
CA TYR A 204 32.18 9.72 0.04
C TYR A 204 31.37 8.49 0.31
N ILE A 205 30.07 8.58 0.03
CA ILE A 205 29.17 7.45 0.21
C ILE A 205 28.99 6.86 -1.14
N HIS A 206 29.30 5.57 -1.26
CA HIS A 206 29.24 4.90 -2.56
C HIS A 206 29.07 3.38 -2.46
N ASP A 207 28.69 2.76 -3.56
CA ASP A 207 28.32 1.34 -3.56
C ASP A 207 27.41 0.95 -2.35
N VAL A 208 26.23 1.60 -2.29
CA VAL A 208 25.13 1.31 -1.32
C VAL A 208 24.04 0.58 -2.09
N ASP A 209 24.15 -0.75 -2.12
CA ASP A 209 23.25 -1.62 -2.87
C ASP A 209 21.93 -1.91 -2.11
N GLY A 210 21.06 -0.91 -2.08
CA GLY A 210 19.74 -1.06 -1.53
C GLY A 210 18.75 -1.67 -2.49
N ASN A 211 17.49 -1.59 -2.08
CA ASN A 211 16.31 -2.05 -2.84
C ASN A 211 16.09 -1.12 -4.02
N ILE A 212 15.88 -1.68 -5.19
CA ILE A 212 15.71 -0.85 -6.40
C ILE A 212 14.45 0.05 -6.36
N TYR A 213 13.42 -0.40 -5.66
CA TYR A 213 12.08 0.16 -5.75
C TYR A 213 11.73 1.20 -4.67
N ASN A 214 12.12 0.88 -3.42
CA ASN A 214 11.48 1.51 -2.28
C ASN A 214 11.87 2.96 -2.15
N LYS A 215 10.87 3.84 -2.25
CA LYS A 215 11.10 5.28 -2.17
C LYS A 215 11.24 5.83 -0.75
N HIS A 216 10.66 5.16 0.25
CA HIS A 216 10.69 5.77 1.58
C HIS A 216 11.17 4.93 2.72
N MET A 217 11.88 3.86 2.43
CA MET A 217 12.70 3.24 3.44
C MET A 217 14.01 4.00 3.43
N ALA A 218 14.78 3.87 4.51
CA ALA A 218 16.14 4.42 4.56
C ALA A 218 17.04 3.64 3.60
N ASN A 219 16.87 3.96 2.32
CA ASN A 219 17.32 3.13 1.22
C ASN A 219 17.96 4.05 0.20
N GLY A 220 19.28 4.13 0.23
CA GLY A 220 19.99 5.12 -0.55
C GLY A 220 21.28 5.57 0.09
N GLY A 221 21.94 6.53 -0.56
CA GLY A 221 23.21 7.05 -0.02
C GLY A 221 23.03 7.73 1.34
N ILE A 222 22.16 8.75 1.37
CA ILE A 222 21.82 9.46 2.57
C ILE A 222 20.32 9.70 2.60
N TYR A 223 19.66 9.29 3.69
CA TYR A 223 18.22 9.48 3.87
C TYR A 223 17.98 9.94 5.31
N PHE A 224 17.29 11.06 5.49
CA PHE A 224 16.85 11.53 6.81
C PHE A 224 15.33 11.46 6.80
N MET A 225 14.74 10.92 7.87
CA MET A 225 13.27 10.70 7.93
C MET A 225 12.78 10.81 9.35
N ALA A 226 11.48 11.09 9.51
CA ALA A 226 10.83 11.09 10.82
C ALA A 226 9.67 10.11 10.89
N HIS A 227 9.50 9.52 12.10
CA HIS A 227 8.46 8.55 12.42
C HIS A 227 7.66 9.05 13.62
N TYR A 228 6.42 8.59 13.73
CA TYR A 228 5.73 8.72 14.99
C TYR A 228 6.49 7.82 15.99
N PRO A 229 6.62 8.24 17.26
CA PRO A 229 7.19 7.36 18.30
C PRO A 229 6.28 6.22 18.70
N MET A 230 4.97 6.50 18.73
CA MET A 230 3.94 5.44 18.84
C MET A 230 3.02 5.53 17.67
N GLU A 231 2.40 4.39 17.40
CA GLU A 231 1.32 4.27 16.47
C GLU A 231 0.11 5.01 17.07
N ASN A 232 -0.65 5.70 16.21
CA ASN A 232 -1.76 6.56 16.64
C ASN A 232 -3.06 5.78 16.80
N THR A 233 -3.43 5.47 18.04
CA THR A 233 -4.42 4.41 18.30
C THR A 233 -5.74 4.91 18.88
N SER A 234 -5.79 6.21 19.19
CA SER A 234 -6.87 6.82 20.00
C SER A 234 -6.93 8.34 19.91
N ALA A 235 -7.99 8.92 20.42
CA ALA A 235 -8.08 10.40 20.49
C ALA A 235 -6.92 11.00 21.29
N GLU A 236 -6.53 10.31 22.36
CA GLU A 236 -5.54 10.80 23.31
C GLU A 236 -4.14 10.72 22.71
N THR A 237 -3.85 9.70 21.92
CA THR A 237 -2.60 9.66 21.11
C THR A 237 -2.58 10.76 20.06
N ASP A 238 -3.71 11.01 19.41
CA ASP A 238 -3.77 12.07 18.38
C ASP A 238 -3.53 13.42 18.98
N VAL A 239 -4.09 13.66 20.16
CA VAL A 239 -3.80 14.89 20.91
C VAL A 239 -2.29 15.01 21.12
N TRP A 240 -1.66 13.95 21.60
CA TRP A 240 -0.23 13.99 21.90
C TRP A 240 0.66 14.22 20.68
N LEU A 241 0.39 13.49 19.60
CA LEU A 241 1.22 13.51 18.39
C LEU A 241 1.16 14.84 17.64
N ARG A 242 0.00 15.50 17.65
CA ARG A 242 -0.13 16.89 17.15
C ARG A 242 0.84 17.90 17.76
N GLU A 243 1.26 17.67 19.01
CA GLU A 243 2.13 18.57 19.77
C GLU A 243 3.52 18.06 20.06
N HIS A 244 3.75 16.77 19.90
CA HIS A 244 5.09 16.22 20.04
C HIS A 244 5.46 15.60 18.72
N VAL A 245 6.30 16.32 17.98
CA VAL A 245 6.64 16.05 16.58
C VAL A 245 8.13 15.67 16.38
N SER A 246 8.36 14.44 15.90
CA SER A 246 9.61 14.05 15.29
C SER A 246 9.83 14.84 14.00
N ARG A 247 11.00 15.43 13.87
CA ARG A 247 11.27 16.44 12.83
C ARG A 247 12.73 16.80 12.91
N PHE A 248 13.23 17.48 11.88
CA PHE A 248 14.63 17.94 11.84
C PHE A 248 14.73 19.45 11.86
N ASP A 249 15.74 19.95 12.57
CA ASP A 249 16.17 21.35 12.41
C ASP A 249 17.69 21.50 12.25
N HIS A 250 18.10 22.41 11.36
CA HIS A 250 19.51 22.76 11.16
C HIS A 250 20.29 21.55 10.73
N VAL A 251 19.81 20.92 9.65
CA VAL A 251 20.53 19.82 9.01
C VAL A 251 21.22 20.39 7.80
N THR A 252 22.48 19.98 7.67
CA THR A 252 23.37 20.48 6.66
C THR A 252 24.17 19.32 6.15
N ILE A 253 24.04 19.07 4.85
CA ILE A 253 24.83 18.08 4.18
C ILE A 253 25.54 18.88 3.12
N ARG A 254 26.84 18.64 2.98
CA ARG A 254 27.71 19.39 2.11
C ARG A 254 29.03 18.73 1.77
N ASN A 255 29.57 19.11 0.62
CA ASN A 255 30.89 18.70 0.12
C ASN A 255 31.06 17.18 -0.02
N SER A 256 29.95 16.50 -0.28
CA SER A 256 29.96 15.04 -0.29
C SER A 256 29.65 14.51 -1.67
N THR A 257 30.17 13.33 -1.96
CA THR A 257 29.91 12.60 -3.18
C THR A 257 29.10 11.37 -2.80
N VAL A 258 27.89 11.26 -3.35
CA VAL A 258 27.06 10.04 -3.33
C VAL A 258 27.11 9.45 -4.73
N LYS A 259 27.61 8.23 -4.87
CA LYS A 259 27.82 7.60 -6.17
C LYS A 259 27.48 6.12 -6.12
N ASP A 260 26.91 5.55 -7.19
CA ASP A 260 26.51 4.13 -7.25
C ASP A 260 25.71 3.61 -6.04
N VAL A 261 24.49 4.12 -5.89
CA VAL A 261 23.59 3.72 -4.80
C VAL A 261 22.19 3.32 -5.31
N ASP A 262 21.51 2.50 -4.50
CA ASP A 262 20.08 2.24 -4.67
C ASP A 262 19.33 2.49 -3.34
N ARG A 263 18.16 3.14 -3.36
CA ARG A 263 17.54 3.80 -4.53
C ARG A 263 17.81 5.31 -4.60
N TRP A 264 17.49 6.09 -3.55
CA TRP A 264 17.69 7.56 -3.54
C TRP A 264 19.17 7.93 -3.39
N GLY A 265 19.54 9.06 -4.01
CA GLY A 265 20.83 9.69 -3.74
C GLY A 265 20.81 10.39 -2.39
N ILE A 266 20.12 11.52 -2.29
CA ILE A 266 20.03 12.26 -1.02
C ILE A 266 18.60 12.69 -0.76
N ALA A 267 18.03 12.22 0.33
CA ALA A 267 16.66 12.54 0.65
C ALA A 267 16.60 12.98 2.09
N VAL A 268 15.92 14.10 2.34
CA VAL A 268 15.70 14.63 3.67
C VAL A 268 14.27 15.16 3.87
N GLY A 269 13.57 14.55 4.84
CA GLY A 269 12.39 15.16 5.48
C GLY A 269 11.08 14.38 5.44
N TYR A 270 11.07 13.25 4.74
CA TYR A 270 9.85 12.44 4.67
C TYR A 270 9.50 12.08 6.10
N THR A 271 8.25 12.37 6.48
CA THR A 271 7.82 12.33 7.87
C THR A 271 6.46 11.65 8.01
N ALA A 272 6.30 10.85 9.06
CA ALA A 272 4.99 10.31 9.43
C ALA A 272 3.99 11.41 9.72
N TYR A 273 4.51 12.61 9.99
CA TYR A 273 3.68 13.77 10.31
C TYR A 273 3.05 14.43 9.08
N LEU A 274 3.17 13.78 7.93
CA LEU A 274 2.39 14.13 6.77
C LEU A 274 0.89 13.80 6.94
N ASN A 275 0.55 12.97 7.91
CA ASN A 275 -0.86 12.70 8.14
C ASN A 275 -1.50 13.99 8.62
N TYR A 276 -0.70 14.90 9.20
CA TYR A 276 -1.17 16.26 9.52
C TYR A 276 -0.95 17.29 8.38
N ILE A 277 0.20 17.24 7.75
CA ILE A 277 0.53 18.23 6.73
C ILE A 277 -0.40 18.13 5.52
N ASP A 278 -0.58 16.92 5.02
CA ASP A 278 -1.47 16.65 3.87
C ASP A 278 -2.94 16.39 4.24
N ALA A 279 -3.37 16.82 5.41
CA ALA A 279 -4.75 16.60 5.81
C ALA A 279 -5.73 17.41 4.89
N ASN A 280 -5.44 18.68 4.63
CA ASN A 280 -6.27 19.48 3.70
C ASN A 280 -5.32 19.96 2.65
N TYR A 281 -5.39 19.29 1.51
CA TYR A 281 -4.59 19.65 0.37
C TYR A 281 -5.14 20.93 -0.25
N GLY A 282 -6.49 21.00 -0.30
CA GLY A 282 -7.23 21.73 -1.34
C GLY A 282 -6.66 23.08 -1.66
N ASP A 283 -6.70 23.49 -2.93
CA ASP A 283 -6.08 24.76 -3.42
C ASP A 283 -4.53 24.68 -3.55
N GLY A 284 -3.89 23.84 -2.75
CA GLY A 284 -2.52 23.43 -3.01
C GLY A 284 -1.46 24.16 -2.23
N SER A 285 -1.80 25.34 -1.74
CA SER A 285 -0.85 26.15 -0.97
C SER A 285 -0.74 25.64 0.45
N ILE A 286 0.41 25.91 1.06
CA ILE A 286 0.84 25.27 2.28
C ILE A 286 1.00 26.31 3.38
N ASP A 287 0.22 26.19 4.45
CA ASP A 287 0.31 27.17 5.56
C ASP A 287 1.68 27.07 6.28
N ASP A 288 2.35 28.22 6.41
CA ASP A 288 3.63 28.40 7.14
C ASP A 288 3.75 27.78 8.54
N ALA A 289 2.70 27.95 9.34
CA ALA A 289 2.67 27.46 10.70
C ALA A 289 2.75 25.97 10.64
N LEU A 290 1.92 25.41 9.77
CA LEU A 290 1.79 23.96 9.60
C LEU A 290 3.11 23.30 9.23
N ILE A 291 3.80 23.87 8.26
CA ILE A 291 5.07 23.32 7.77
C ILE A 291 6.17 23.48 8.81
N ALA A 292 6.11 24.57 9.57
CA ALA A 292 7.12 24.87 10.60
C ALA A 292 6.99 23.93 11.79
N LYS A 293 5.75 23.67 12.21
CA LYS A 293 5.47 22.74 13.30
C LYS A 293 5.79 21.28 12.95
N TYR A 294 5.21 20.81 11.84
CA TYR A 294 5.20 19.38 11.44
C TYR A 294 6.36 18.93 10.53
N GLY A 295 6.95 19.91 9.85
CA GLY A 295 8.04 19.68 8.92
C GLY A 295 9.39 20.06 9.47
N SER A 296 10.38 20.10 8.59
CA SER A 296 11.77 20.18 8.94
C SER A 296 12.36 21.51 8.43
N THR A 297 13.00 22.25 9.33
CA THR A 297 13.39 23.65 9.15
C THR A 297 14.89 23.80 9.06
N ASN A 298 15.33 24.87 8.42
CA ASN A 298 16.77 25.15 8.23
C ASN A 298 17.55 23.95 7.69
N VAL A 299 17.04 23.35 6.61
CA VAL A 299 17.77 22.28 5.95
C VAL A 299 18.63 22.91 4.84
N ARG A 300 19.91 22.59 4.83
CA ARG A 300 20.81 23.04 3.77
C ARG A 300 21.41 21.86 3.07
N ILE A 301 21.27 21.79 1.74
CA ILE A 301 22.00 20.82 0.94
C ILE A 301 22.95 21.63 0.06
N GLU A 302 24.24 21.33 0.10
CA GLU A 302 25.30 22.26 -0.35
C GLU A 302 26.54 21.62 -0.98
N ASN A 303 26.92 22.06 -2.19
CA ASN A 303 28.22 21.67 -2.76
C ASN A 303 28.49 20.15 -2.79
N ASN A 304 27.43 19.37 -3.03
CA ASN A 304 27.58 17.90 -3.16
C ASN A 304 27.51 17.44 -4.60
N TYR A 305 28.00 16.21 -4.81
CA TYR A 305 27.96 15.52 -6.12
C TYR A 305 27.18 14.23 -5.98
N VAL A 306 26.05 14.14 -6.68
CA VAL A 306 25.30 12.88 -6.81
C VAL A 306 25.49 12.30 -8.22
N LYS A 307 26.09 11.12 -8.32
CA LYS A 307 26.24 10.46 -9.59
C LYS A 307 25.76 9.03 -9.54
N GLY A 308 24.93 8.64 -10.49
CA GLY A 308 24.54 7.23 -10.61
C GLY A 308 23.69 6.64 -9.50
N ALA A 309 22.88 7.45 -8.84
CA ALA A 309 21.78 6.91 -8.04
C ALA A 309 20.89 6.01 -8.91
N GLY A 310 20.30 4.98 -8.29
CA GLY A 310 19.34 4.15 -8.97
C GLY A 310 18.08 4.92 -9.36
N GLY A 311 17.74 5.90 -8.53
CA GLY A 311 16.53 6.67 -8.70
C GLY A 311 16.89 8.14 -8.71
N ASP A 312 16.23 8.88 -7.83
CA ASP A 312 16.28 10.33 -7.85
C ASP A 312 17.62 10.76 -7.26
N ALA A 313 18.13 11.92 -7.68
CA ALA A 313 19.44 12.41 -7.16
C ALA A 313 19.36 13.05 -5.77
N ILE A 314 18.51 14.08 -5.63
CA ILE A 314 18.40 14.89 -4.42
C ILE A 314 16.97 15.36 -4.21
N THR A 315 16.42 15.16 -3.03
CA THR A 315 15.04 15.55 -2.79
C THR A 315 14.82 16.08 -1.37
N LEU A 316 14.03 17.13 -1.31
CA LEU A 316 13.68 17.74 -0.04
C LEU A 316 12.21 17.49 0.12
N MET A 317 11.84 16.88 1.25
CA MET A 317 10.48 16.47 1.50
C MET A 317 10.01 17.12 2.77
N TYR A 318 8.80 17.67 2.74
CA TYR A 318 8.18 18.25 3.90
C TYR A 318 9.12 19.22 4.62
N CYS A 319 9.77 20.09 3.84
CA CYS A 319 10.74 21.01 4.38
C CYS A 319 10.26 22.46 4.30
N ASP A 320 10.33 23.17 5.44
CA ASP A 320 10.09 24.62 5.53
C ASP A 320 11.36 25.36 5.09
N ARG A 321 11.26 26.06 3.96
CA ARG A 321 12.30 26.95 3.42
C ARG A 321 13.72 26.37 3.41
N PRO A 322 13.88 25.25 2.70
CA PRO A 322 15.22 24.66 2.58
C PRO A 322 16.04 25.42 1.57
N VAL A 323 17.34 25.17 1.60
CA VAL A 323 18.27 25.80 0.70
C VAL A 323 19.08 24.68 0.06
N ILE A 324 18.90 24.55 -1.24
CA ILE A 324 19.62 23.57 -2.03
C ILE A 324 20.45 24.37 -2.98
N GLU A 325 21.78 24.30 -2.86
CA GLU A 325 22.65 25.15 -3.66
C GLU A 325 24.06 24.59 -3.93
N HIS A 326 24.57 24.95 -5.12
CA HIS A 326 25.93 24.63 -5.56
C HIS A 326 26.20 23.13 -5.72
N ASN A 327 25.14 22.33 -5.86
CA ASN A 327 25.27 20.89 -6.05
C ASN A 327 25.34 20.51 -7.50
N VAL A 328 25.96 19.36 -7.75
CA VAL A 328 25.98 18.73 -9.06
C VAL A 328 25.28 17.35 -9.05
N GLY A 329 24.20 17.20 -9.82
CA GLY A 329 23.57 15.89 -10.06
C GLY A 329 23.99 15.35 -11.42
N ASP A 330 24.17 14.03 -11.56
CA ASP A 330 24.68 13.48 -12.83
C ASP A 330 24.32 12.00 -13.03
N SER A 331 23.64 11.71 -14.13
CA SER A 331 23.42 10.34 -14.61
C SER A 331 22.66 9.50 -13.58
N VAL A 332 21.52 10.01 -13.13
CA VAL A 332 20.66 9.27 -12.19
C VAL A 332 19.49 8.61 -12.93
N SER A 333 18.56 8.01 -12.20
CA SER A 333 17.56 7.10 -12.73
C SER A 333 18.21 5.89 -13.47
N LYS A 334 19.39 5.49 -13.03
CA LYS A 334 20.12 4.36 -13.62
C LYS A 334 19.29 3.05 -13.61
N HIS A 335 18.56 2.82 -12.53
CA HIS A 335 17.70 1.64 -12.44
C HIS A 335 16.23 1.92 -12.72
N ILE A 336 15.89 3.11 -13.23
CA ILE A 336 14.50 3.41 -13.59
C ILE A 336 14.27 3.05 -15.05
N ASN A 337 14.09 1.75 -15.31
CA ASN A 337 13.84 1.28 -16.65
C ASN A 337 13.19 -0.06 -16.66
N THR A 338 12.75 -0.49 -17.84
CA THR A 338 12.06 -1.79 -18.02
C THR A 338 12.91 -3.03 -17.82
N GLN A 339 14.21 -2.94 -18.09
CA GLN A 339 15.13 -4.04 -17.83
C GLN A 339 15.40 -4.33 -16.36
N ASP A 340 15.46 -3.27 -15.55
CA ASP A 340 15.85 -3.34 -14.13
C ASP A 340 14.71 -3.18 -13.12
N TYR A 341 13.66 -2.44 -13.47
CA TYR A 341 12.58 -2.11 -12.54
C TYR A 341 11.43 -3.09 -12.78
N THR A 342 11.69 -4.36 -12.53
CA THR A 342 10.85 -5.42 -13.06
C THR A 342 9.74 -5.84 -12.13
N GLN A 343 9.87 -5.54 -10.85
CA GLN A 343 8.93 -5.95 -9.84
C GLN A 343 8.45 -4.78 -9.05
N PRO A 344 7.63 -3.93 -9.69
CA PRO A 344 7.15 -2.72 -9.04
C PRO A 344 6.03 -2.99 -8.06
N GLY A 345 5.39 -4.13 -8.09
CA GLY A 345 4.27 -4.34 -7.20
C GLY A 345 3.16 -3.32 -7.43
N SER A 346 2.40 -3.09 -6.35
CA SER A 346 1.36 -2.08 -6.32
C SER A 346 1.91 -0.70 -6.02
N TYR A 347 3.23 -0.53 -5.93
CA TYR A 347 3.81 0.76 -5.51
C TYR A 347 4.16 1.72 -6.62
N GLY A 348 4.46 1.20 -7.81
CA GLY A 348 4.87 2.07 -8.90
C GLY A 348 6.25 2.65 -8.69
N GLY A 349 6.38 3.96 -8.89
CA GLY A 349 7.65 4.64 -8.74
C GLY A 349 8.67 4.30 -9.80
N ARG A 350 8.24 3.86 -10.99
CA ARG A 350 9.19 3.67 -12.09
C ARG A 350 9.35 5.00 -12.78
N VAL A 351 9.93 5.89 -12.00
CA VAL A 351 9.76 7.30 -12.22
C VAL A 351 10.82 8.04 -11.34
N ALA A 352 11.61 8.91 -11.97
CA ALA A 352 12.54 9.74 -11.24
C ALA A 352 12.94 11.03 -11.93
N ALA A 353 13.08 12.07 -11.10
CA ALA A 353 13.65 13.37 -11.47
C ALA A 353 14.95 13.63 -10.70
N GLY A 354 15.67 14.65 -11.13
CA GLY A 354 17.02 14.99 -10.61
C GLY A 354 17.07 15.60 -9.22
N ILE A 355 16.99 16.93 -9.17
CA ILE A 355 17.07 17.72 -7.95
C ILE A 355 15.78 18.50 -7.81
N TRP A 356 15.02 18.20 -6.74
CA TRP A 356 13.63 18.70 -6.63
C TRP A 356 13.03 18.64 -5.21
N PRO A 357 11.94 19.38 -4.94
CA PRO A 357 11.23 19.34 -3.67
C PRO A 357 9.88 18.64 -3.69
N TRP A 358 9.45 18.13 -2.54
CA TRP A 358 8.15 17.47 -2.42
C TRP A 358 7.44 18.04 -1.21
N ARG A 359 6.23 18.55 -1.41
CA ARG A 359 5.49 19.25 -0.35
C ARG A 359 6.37 20.09 0.58
N CYS A 360 7.25 20.89 -0.01
CA CYS A 360 7.99 21.91 0.71
C CYS A 360 7.30 23.24 0.57
N LYS A 361 7.75 24.20 1.38
CA LYS A 361 7.25 25.57 1.28
C LYS A 361 8.39 26.55 1.00
N ASP A 362 8.22 27.30 -0.10
CA ASP A 362 9.17 28.34 -0.55
C ASP A 362 10.63 27.86 -0.43
N PRO A 363 10.95 26.70 -1.06
CA PRO A 363 12.33 26.27 -1.13
C PRO A 363 13.08 27.03 -2.21
N VAL A 364 14.40 26.90 -2.17
CA VAL A 364 15.27 27.57 -3.11
C VAL A 364 16.36 26.61 -3.59
N PHE A 365 16.26 26.29 -4.87
CA PHE A 365 17.29 25.56 -5.59
C PHE A 365 18.04 26.62 -6.40
N GLN A 366 19.36 26.66 -6.28
CA GLN A 366 20.15 27.70 -6.94
C GLN A 366 21.61 27.34 -7.13
N TYR A 367 22.19 27.78 -8.25
CA TYR A 367 23.63 27.57 -8.57
C TYR A 367 23.99 26.09 -8.68
N ASN A 368 23.00 25.27 -9.08
CA ASN A 368 23.16 23.81 -9.23
C ASN A 368 23.37 23.40 -10.70
N GLU A 369 23.92 22.22 -10.92
CA GLU A 369 24.04 21.66 -12.27
C GLU A 369 23.49 20.23 -12.29
N MET A 370 22.75 19.91 -13.35
CA MET A 370 22.12 18.59 -13.49
C MET A 370 22.35 18.03 -14.90
N TYR A 371 23.11 16.95 -15.00
CA TYR A 371 23.43 16.30 -16.26
C TYR A 371 22.75 14.93 -16.42
N ASN A 372 22.24 14.69 -17.62
CA ASN A 372 21.99 13.33 -18.10
C ASN A 372 21.09 12.46 -17.24
N ASN A 373 19.96 12.99 -16.76
CA ASN A 373 19.00 12.13 -16.05
C ASN A 373 18.50 11.09 -17.05
N LEU A 374 18.57 9.83 -16.66
CA LEU A 374 18.48 8.72 -17.60
C LEU A 374 17.14 7.99 -17.78
N ASN A 375 17.07 7.27 -18.91
CA ASN A 375 16.08 6.22 -19.21
C ASN A 375 14.61 6.61 -19.44
N ALA A 376 14.39 7.85 -19.85
CA ALA A 376 13.08 8.25 -20.30
C ALA A 376 12.75 7.55 -21.61
N GLU A 377 13.81 7.15 -22.33
CA GLU A 377 13.72 6.32 -23.55
C GLU A 377 13.37 4.85 -23.26
N HIS A 378 13.51 4.43 -22.01
CA HIS A 378 13.50 3.02 -21.62
C HIS A 378 12.65 2.75 -20.38
N GLY A 379 11.61 3.58 -20.17
CA GLY A 379 10.59 3.34 -19.15
C GLY A 379 10.55 4.27 -17.96
N ASN A 380 11.41 5.29 -17.92
CA ASN A 380 11.34 6.31 -16.85
C ASN A 380 10.29 7.31 -17.30
N GLY A 381 9.13 7.28 -16.63
CA GLY A 381 8.03 8.20 -16.96
C GLY A 381 8.25 9.68 -16.68
N ASP A 382 9.40 10.00 -16.10
CA ASP A 382 9.83 11.34 -15.88
C ASP A 382 11.14 11.50 -16.65
N GLY A 383 12.24 11.84 -15.96
CA GLY A 383 13.55 12.05 -16.57
C GLY A 383 14.04 13.50 -16.63
N GLN A 384 13.40 14.39 -15.89
CA GLN A 384 13.71 15.83 -15.91
C GLN A 384 14.87 16.16 -14.97
N ALA A 385 15.57 17.25 -15.27
CA ALA A 385 16.54 17.84 -14.33
C ALA A 385 15.86 18.32 -13.01
N TRP A 386 14.78 19.09 -13.16
CA TRP A 386 14.09 19.81 -12.09
C TRP A 386 12.61 19.40 -12.08
N ASP A 387 12.00 19.42 -10.90
CA ASP A 387 10.60 19.00 -10.73
C ASP A 387 9.96 19.77 -9.59
N ALA A 388 9.34 20.92 -9.92
CA ALA A 388 8.42 21.56 -9.01
C ALA A 388 7.23 20.64 -8.86
N ASP A 389 7.40 19.68 -7.96
CA ASP A 389 6.36 18.69 -7.70
C ASP A 389 5.31 19.30 -6.77
N TYR A 390 4.41 18.47 -6.22
CA TYR A 390 3.45 18.95 -5.20
C TYR A 390 4.13 19.82 -4.16
N GLY A 391 3.39 20.79 -3.65
CA GLY A 391 3.98 21.79 -2.76
C GLY A 391 3.83 23.15 -3.36
N ASP A 392 4.50 24.11 -2.72
CA ASP A 392 4.15 25.53 -2.79
C ASP A 392 5.42 26.38 -2.78
N GLY A 393 5.48 27.32 -3.70
CA GLY A 393 6.53 28.33 -3.72
C GLY A 393 7.88 27.93 -4.28
N THR A 394 7.95 26.82 -5.03
CA THR A 394 9.27 26.32 -5.39
C THR A 394 10.07 27.38 -6.16
N LEU A 395 11.31 27.59 -5.76
CA LEU A 395 12.21 28.50 -6.45
C LEU A 395 13.45 27.81 -7.07
N TYR A 396 13.52 27.81 -8.41
CA TYR A 396 14.71 27.39 -9.15
C TYR A 396 15.27 28.64 -9.81
N GLN A 397 16.54 28.94 -9.54
CA GLN A 397 17.20 30.12 -10.10
C GLN A 397 18.72 29.95 -10.21
N TYR A 398 19.30 30.28 -11.35
CA TYR A 398 20.78 30.20 -11.60
C TYR A 398 21.28 28.75 -11.79
N ASN A 399 20.39 27.88 -12.28
CA ASN A 399 20.73 26.47 -12.53
C ASN A 399 20.93 26.16 -14.01
N TYR A 400 21.88 25.26 -14.27
CA TYR A 400 22.20 24.76 -15.58
C TYR A 400 21.76 23.31 -15.65
N SER A 401 20.86 23.00 -16.59
CA SER A 401 20.55 21.62 -16.97
C SER A 401 21.14 21.33 -18.33
N TYR A 402 21.66 20.11 -18.49
CA TYR A 402 22.22 19.61 -19.76
C TYR A 402 21.90 18.14 -20.01
N GLY A 403 21.42 17.85 -21.24
CA GLY A 403 21.41 16.51 -21.77
C GLY A 403 20.55 15.49 -21.05
N ASN A 404 19.52 15.98 -20.35
CA ASN A 404 18.59 15.14 -19.61
C ASN A 404 17.60 14.51 -20.59
N SER A 405 17.16 13.30 -20.27
CA SER A 405 16.39 12.47 -21.20
C SER A 405 14.94 12.92 -21.44
N PHE A 406 14.41 13.78 -20.58
CA PHE A 406 13.06 14.29 -20.72
C PHE A 406 12.93 15.59 -19.94
N ALA A 407 13.22 16.69 -20.60
CA ALA A 407 12.99 18.05 -20.11
C ALA A 407 13.96 18.56 -19.09
N SER A 408 13.94 19.89 -18.96
CA SER A 408 14.64 20.62 -17.91
C SER A 408 13.74 20.66 -16.66
N LEU A 409 12.51 21.18 -16.81
CA LEU A 409 11.59 21.39 -15.70
C LEU A 409 10.25 20.69 -15.88
N MET A 410 9.80 19.98 -14.85
CA MET A 410 8.40 19.63 -14.74
C MET A 410 7.75 20.45 -13.67
N ILE A 411 6.46 20.70 -13.87
CA ILE A 411 5.60 21.25 -12.86
C ILE A 411 4.46 20.25 -12.76
N CYS A 412 4.39 19.55 -11.64
CA CYS A 412 3.72 18.26 -11.63
C CYS A 412 2.34 18.25 -11.01
N ASN A 413 1.33 18.12 -11.84
CA ASN A 413 -0.06 17.83 -11.40
C ASN A 413 -0.71 18.95 -10.54
N TRP A 414 -1.98 18.72 -10.18
CA TRP A 414 -2.87 19.70 -9.53
C TRP A 414 -2.33 20.52 -8.37
N TYR A 415 -1.54 19.93 -7.47
CA TYR A 415 -1.04 20.61 -6.24
C TYR A 415 0.39 21.15 -6.25
N ALA A 416 0.97 21.25 -7.45
CA ALA A 416 2.22 21.99 -7.68
C ALA A 416 1.82 23.39 -8.11
N VAL A 417 2.17 24.36 -7.27
CA VAL A 417 1.72 25.74 -7.45
C VAL A 417 2.80 26.75 -7.07
N ASN A 418 2.60 27.95 -7.59
CA ASN A 418 3.39 29.09 -7.22
C ASN A 418 4.87 28.90 -7.46
N THR A 419 5.22 28.36 -8.61
CA THR A 419 6.63 28.19 -8.95
C THR A 419 7.20 29.40 -9.64
N THR A 420 8.44 29.69 -9.28
CA THR A 420 9.27 30.56 -10.06
C THR A 420 10.52 29.79 -10.52
N PHE A 421 10.76 29.85 -11.83
CA PHE A 421 11.87 29.20 -12.53
C PHE A 421 12.55 30.31 -13.32
N ARG A 422 13.70 30.78 -12.87
CA ARG A 422 14.24 32.03 -13.45
C ARG A 422 15.75 32.17 -13.50
N TYR A 423 16.23 32.97 -14.44
CA TYR A 423 17.65 33.12 -14.68
C TYR A 423 18.39 31.75 -14.66
N ASN A 424 17.78 30.75 -15.33
CA ASN A 424 18.36 29.40 -15.52
C ASN A 424 18.74 29.14 -16.98
N ILE A 425 19.66 28.21 -17.21
CA ILE A 425 20.02 27.75 -18.57
C ILE A 425 19.76 26.25 -18.82
N SER A 426 18.83 25.93 -19.72
CA SER A 426 18.69 24.57 -20.31
C SER A 426 19.47 24.45 -21.66
N GLN A 427 20.32 23.41 -21.78
CA GLN A 427 21.11 23.16 -22.99
C GLN A 427 20.99 21.70 -23.40
N ASN A 428 20.49 21.45 -24.60
CA ASN A 428 20.35 20.08 -25.13
C ASN A 428 19.53 19.20 -24.21
N ASP A 429 18.57 19.75 -23.49
CA ASP A 429 17.63 18.92 -22.79
C ASP A 429 16.68 18.42 -23.85
N ARG A 430 16.20 17.19 -23.67
CA ARG A 430 15.53 16.42 -24.73
C ARG A 430 14.02 16.19 -24.51
N GLN A 431 13.32 15.99 -25.62
CA GLN A 431 11.87 15.82 -25.68
C GLN A 431 11.03 16.96 -25.09
N GLY A 432 11.58 18.18 -25.08
CA GLY A 432 10.88 19.39 -24.63
C GLY A 432 11.48 19.97 -23.37
N VAL A 433 11.68 21.29 -23.33
CA VAL A 433 12.32 21.92 -22.17
C VAL A 433 11.38 22.06 -20.99
N PHE A 434 10.08 22.21 -21.25
CA PHE A 434 9.11 22.51 -20.21
C PHE A 434 8.01 21.46 -20.20
N ASP A 435 7.82 20.81 -19.07
CA ASP A 435 6.83 19.75 -18.94
C ASP A 435 5.76 20.33 -17.98
N LEU A 436 4.53 20.51 -18.47
CA LEU A 436 3.43 21.09 -17.70
C LEU A 436 2.14 20.25 -17.67
N PRO A 437 2.23 19.01 -17.11
CA PRO A 437 1.08 18.12 -17.07
C PRO A 437 0.13 18.42 -15.94
N SER A 438 -0.98 19.09 -16.28
CA SER A 438 -2.05 19.42 -15.32
C SER A 438 -1.57 20.16 -14.06
N ASN A 439 -0.47 20.93 -14.14
CA ASN A 439 -0.02 21.64 -12.93
C ASN A 439 -1.03 22.72 -12.50
N GLY A 440 -0.95 23.10 -11.23
CA GLY A 440 -1.79 24.17 -10.70
C GLY A 440 -1.30 25.55 -11.13
N PRO A 441 -2.03 26.61 -10.74
CA PRO A 441 -1.72 27.97 -11.21
C PRO A 441 -0.55 28.64 -10.50
N GLY A 442 -0.29 29.89 -10.89
CA GLY A 442 0.69 30.71 -10.20
C GLY A 442 2.14 30.52 -10.58
N ASN A 443 2.43 29.82 -11.68
CA ASN A 443 3.85 29.59 -12.06
C ASN A 443 4.39 30.61 -13.07
N HIS A 444 5.63 31.05 -12.85
CA HIS A 444 6.27 32.12 -13.61
C HIS A 444 7.65 31.70 -14.09
N ILE A 445 7.72 31.35 -15.35
CA ILE A 445 8.99 31.09 -15.99
C ILE A 445 9.34 32.41 -16.61
N TYR A 446 10.54 32.91 -16.30
CA TYR A 446 11.01 34.15 -16.89
C TYR A 446 12.51 34.28 -16.83
N ASN A 447 13.04 35.07 -17.76
CA ASN A 447 14.47 35.36 -17.84
C ASN A 447 15.37 34.11 -17.93
N ASN A 448 14.91 33.03 -18.59
CA ASN A 448 15.77 31.83 -18.80
C ASN A 448 16.25 31.73 -20.24
N THR A 449 17.47 31.21 -20.44
CA THR A 449 18.03 30.98 -21.77
C THR A 449 18.04 29.47 -22.06
N VAL A 450 17.18 29.05 -22.98
CA VAL A 450 16.97 27.64 -23.35
C VAL A 450 17.44 27.31 -24.80
N TYR A 451 18.45 26.44 -24.91
CA TYR A 451 19.03 25.97 -26.19
C TYR A 451 18.33 24.67 -26.60
N VAL A 452 17.51 24.73 -27.64
CA VAL A 452 16.59 23.66 -27.98
C VAL A 452 16.93 22.96 -29.30
N ASP A 453 17.54 21.78 -29.20
CA ASP A 453 18.06 21.03 -30.37
C ASP A 453 16.96 20.24 -31.10
N ALA A 454 17.37 19.45 -32.09
CA ALA A 454 16.42 18.71 -32.92
C ALA A 454 15.75 17.52 -32.25
N ASP A 455 16.30 17.07 -31.12
CA ASP A 455 15.64 16.08 -30.25
C ASP A 455 14.61 16.68 -29.32
N SER A 456 14.41 17.98 -29.38
CA SER A 456 13.59 18.63 -28.41
C SER A 456 12.67 19.63 -29.06
N GLN A 457 12.02 20.36 -28.18
CA GLN A 457 11.14 21.44 -28.50
C GLN A 457 11.00 22.26 -27.23
N VAL A 458 9.98 23.10 -27.14
CA VAL A 458 9.80 23.95 -25.97
C VAL A 458 8.97 23.24 -24.92
N LEU A 459 7.86 22.62 -25.36
CA LEU A 459 6.91 21.96 -24.48
C LEU A 459 6.82 20.49 -24.78
N THR A 460 6.68 19.68 -23.74
CA THR A 460 6.46 18.24 -23.93
C THR A 460 5.09 17.98 -24.56
N LYS A 461 5.00 16.86 -25.27
CA LYS A 461 3.77 16.52 -26.01
C LYS A 461 2.56 16.47 -25.04
N ARG A 462 2.82 16.09 -23.79
CA ARG A 462 1.79 15.95 -22.74
C ARG A 462 1.50 17.21 -21.91
N SER A 463 2.16 18.33 -22.21
CA SER A 463 1.84 19.60 -21.54
C SER A 463 0.41 20.07 -21.84
N ASN A 464 -0.27 20.63 -20.83
CA ASN A 464 -1.64 21.12 -20.98
C ASN A 464 -2.04 22.16 -19.94
N SER A 465 -1.09 22.86 -19.35
CA SER A 465 -1.37 23.58 -18.12
C SER A 465 -0.58 24.88 -17.93
N GLN A 466 -0.84 25.56 -16.81
CA GLN A 466 -0.46 26.95 -16.61
C GLN A 466 1.04 27.19 -16.63
N SER A 467 1.40 28.28 -17.30
CA SER A 467 2.65 28.99 -17.03
C SER A 467 2.63 30.34 -17.70
N LEU A 468 3.55 31.21 -17.29
CA LEU A 468 3.66 32.56 -17.83
C LEU A 468 5.11 32.84 -18.17
N PHE A 469 5.40 32.80 -19.47
CA PHE A 469 6.74 33.02 -19.96
C PHE A 469 6.91 34.49 -20.30
N GLU A 470 8.02 35.04 -19.80
CA GLU A 470 8.37 36.45 -19.94
C GLU A 470 9.87 36.60 -19.92
N ASN A 471 10.39 37.48 -20.76
CA ASN A 471 11.81 37.80 -20.80
C ASN A 471 12.76 36.63 -21.07
N ASN A 472 12.23 35.54 -21.66
CA ASN A 472 13.07 34.34 -21.94
C ASN A 472 13.80 34.49 -23.28
N ILE A 473 14.95 33.84 -23.43
CA ILE A 473 15.53 33.59 -24.77
C ILE A 473 15.31 32.14 -25.21
N PHE A 474 14.26 31.92 -26.02
CA PHE A 474 14.00 30.64 -26.68
C PHE A 474 14.88 30.47 -27.96
N ILE A 475 15.78 29.49 -27.98
CA ILE A 475 16.68 29.29 -29.12
C ILE A 475 16.39 28.01 -29.91
N ASN A 476 15.97 28.16 -31.17
CA ASN A 476 15.85 27.00 -32.09
C ASN A 476 17.24 26.67 -32.61
N ALA A 477 17.86 25.65 -32.03
CA ALA A 477 19.21 25.24 -32.43
C ALA A 477 19.17 24.11 -33.47
N THR A 478 18.19 24.17 -34.39
CA THR A 478 18.10 23.31 -35.57
C THR A 478 18.43 24.17 -36.79
N ASN A 479 18.40 23.54 -37.98
CA ASN A 479 18.99 24.09 -39.22
C ASN A 479 17.99 24.75 -40.17
N THR A 480 16.88 25.23 -39.61
CA THR A 480 15.72 25.64 -40.37
C THR A 480 14.89 26.49 -39.43
N LYS A 481 14.22 27.49 -39.95
CA LYS A 481 13.30 28.27 -39.14
C LYS A 481 12.13 27.37 -38.72
N LYS A 482 12.12 26.93 -37.47
CA LYS A 482 11.07 26.01 -36.96
C LYS A 482 9.69 26.67 -36.70
N THR A 483 8.64 26.05 -37.21
CA THR A 483 7.29 26.31 -36.75
C THR A 483 7.00 25.44 -35.51
N GLU A 484 6.98 26.07 -34.32
CA GLU A 484 6.81 25.35 -33.04
C GLU A 484 5.37 25.32 -32.56
N THR A 485 5.00 24.26 -31.82
CA THR A 485 3.76 24.24 -31.04
C THR A 485 4.12 24.93 -29.72
N TRP A 486 3.72 26.19 -29.57
CA TRP A 486 3.91 26.96 -28.31
C TRP A 486 2.73 26.81 -27.32
N ASN A 487 1.66 26.14 -27.72
CA ASN A 487 0.48 25.97 -26.90
C ASN A 487 -0.12 24.62 -27.12
N ARG A 488 -0.20 23.87 -26.01
CA ARG A 488 -1.04 22.68 -25.91
C ARG A 488 -1.89 22.91 -24.67
N GLY A 489 -3.20 22.57 -24.76
CA GLY A 489 -4.14 22.63 -23.65
C GLY A 489 -4.47 24.04 -23.19
N SER A 490 -5.45 24.13 -22.29
CA SER A 490 -5.82 25.40 -21.64
C SER A 490 -6.18 25.29 -20.13
N GLN A 491 -5.67 24.26 -19.45
CA GLN A 491 -5.93 24.07 -18.02
C GLN A 491 -5.22 25.19 -17.20
N ASN A 492 -5.99 25.80 -16.29
CA ASN A 492 -5.52 26.94 -15.46
C ASN A 492 -4.93 28.12 -16.26
N GLY A 493 -5.54 28.36 -17.43
CA GLY A 493 -5.18 29.47 -18.31
C GLY A 493 -4.07 29.20 -19.31
N GLY A 494 -3.73 27.92 -19.49
CA GLY A 494 -2.68 27.49 -20.42
C GLY A 494 -1.39 28.29 -20.32
N GLN A 495 -0.58 28.19 -21.36
CA GLN A 495 0.69 28.88 -21.40
C GLN A 495 0.41 30.22 -22.09
N THR A 496 0.74 31.31 -21.41
CA THR A 496 0.64 32.65 -21.98
C THR A 496 2.05 33.21 -21.98
N TYR A 497 2.38 33.97 -23.02
CA TYR A 497 3.72 34.52 -23.21
C TYR A 497 3.60 36.00 -23.41
N ASP A 498 4.61 36.72 -22.94
CA ASP A 498 4.72 38.11 -23.22
C ASP A 498 6.19 38.45 -23.08
N ASN A 499 6.68 39.28 -24.00
CA ASN A 499 8.04 39.87 -23.96
C ASN A 499 9.22 38.89 -24.09
N ASN A 500 9.05 37.83 -24.89
CA ASN A 500 10.12 36.82 -25.06
C ASN A 500 10.85 37.03 -26.37
N MET A 501 12.18 36.86 -26.35
CA MET A 501 12.98 36.76 -27.58
C MET A 501 12.89 35.36 -28.19
N TYR A 502 12.42 35.29 -29.43
CA TYR A 502 12.42 34.06 -30.21
C TYR A 502 13.56 34.14 -31.23
N VAL A 503 14.47 33.15 -31.20
CA VAL A 503 15.62 33.10 -32.14
C VAL A 503 15.48 32.00 -33.18
N ASN A 504 15.71 32.37 -34.44
CA ASN A 504 15.71 31.45 -35.56
C ASN A 504 14.46 30.58 -35.61
N TYR A 505 13.31 31.14 -35.23
CA TYR A 505 12.01 30.44 -35.37
C TYR A 505 11.26 31.03 -36.56
N ALA A 506 10.40 30.22 -37.16
CA ALA A 506 9.48 30.65 -38.20
C ALA A 506 8.23 31.30 -37.63
N ASN A 507 8.05 31.30 -36.31
CA ASN A 507 6.84 31.85 -35.72
C ASN A 507 7.03 32.38 -34.32
N LYS A 508 5.89 32.68 -33.70
CA LYS A 508 5.81 33.05 -32.31
C LYS A 508 4.43 32.65 -31.74
N PRO A 509 4.23 32.85 -30.44
CA PRO A 509 2.94 32.54 -29.83
C PRO A 509 1.87 33.58 -30.16
N THR A 510 0.68 33.11 -30.50
CA THR A 510 -0.46 34.01 -30.74
C THR A 510 -0.76 34.93 -29.54
N SER A 511 -0.12 34.68 -28.40
CA SER A 511 -0.38 35.36 -27.14
C SER A 511 0.77 36.25 -26.66
N ASP A 512 1.72 36.58 -27.53
CA ASP A 512 2.81 37.46 -27.14
C ASP A 512 2.87 38.64 -28.10
N ALA A 513 1.98 39.59 -27.88
CA ALA A 513 1.95 40.82 -28.68
C ALA A 513 3.11 41.78 -28.37
N ASN A 514 4.08 41.37 -27.55
CA ASN A 514 5.32 42.10 -27.37
C ASN A 514 6.58 41.30 -27.71
N ALA A 515 6.47 40.45 -28.73
CA ALA A 515 7.60 39.60 -29.19
C ALA A 515 8.87 40.36 -29.64
N ILE A 516 10.03 39.71 -29.52
CA ILE A 516 11.32 40.23 -30.05
C ILE A 516 12.01 39.15 -30.91
N GLU A 517 11.55 39.01 -32.16
CA GLU A 517 12.11 38.03 -33.11
C GLU A 517 13.59 38.37 -33.50
N ALA A 518 14.43 37.34 -33.55
CA ALA A 518 15.77 37.46 -34.13
C ALA A 518 16.03 36.25 -35.05
N ASP A 519 17.08 36.36 -35.84
CA ASP A 519 17.27 35.49 -37.01
C ASP A 519 18.47 34.54 -36.88
N ASP A 520 19.55 35.02 -36.25
CA ASP A 520 20.76 34.28 -36.06
C ASP A 520 21.16 34.41 -34.62
N VAL A 521 21.41 33.28 -33.96
CA VAL A 521 21.84 33.28 -32.55
C VAL A 521 23.27 33.86 -32.31
N SER A 522 24.06 33.97 -33.38
CA SER A 522 25.40 34.51 -33.27
C SER A 522 25.43 36.05 -33.12
N ALA A 523 24.38 36.73 -33.59
CA ALA A 523 24.21 38.20 -33.40
C ALA A 523 23.57 38.56 -32.06
N VAL A 524 23.15 37.52 -31.33
CA VAL A 524 22.44 37.67 -30.07
C VAL A 524 23.31 37.29 -28.88
N LEU A 525 24.06 36.17 -28.95
CA LEU A 525 24.93 35.69 -27.83
C LEU A 525 26.35 35.37 -28.26
N ALA A 526 27.23 35.28 -27.29
CA ALA A 526 28.65 35.07 -27.57
C ALA A 526 28.98 33.72 -28.23
N GLY A 527 28.32 32.66 -27.79
CA GLY A 527 28.68 31.31 -28.21
C GLY A 527 27.75 30.30 -27.59
N ALA A 528 26.47 30.38 -27.96
CA ALA A 528 25.43 29.48 -27.46
C ALA A 528 25.75 28.00 -27.76
N GLY A 529 25.30 27.13 -26.86
CA GLY A 529 25.55 25.69 -26.98
C GLY A 529 26.86 25.21 -26.39
N SER A 530 27.75 26.11 -25.97
CA SER A 530 29.12 25.75 -25.58
C SER A 530 29.28 25.57 -24.08
N ALA A 531 28.16 25.55 -23.35
CA ALA A 531 28.21 25.20 -21.92
C ALA A 531 28.62 23.71 -21.74
N PRO A 532 28.90 23.24 -20.50
CA PRO A 532 29.43 21.86 -20.37
C PRO A 532 28.48 20.69 -20.71
N THR A 533 29.08 19.57 -21.10
CA THR A 533 28.36 18.35 -21.48
C THR A 533 28.39 17.24 -20.42
N SER A 534 29.20 17.43 -19.38
CA SER A 534 29.42 16.46 -18.34
C SER A 534 29.84 17.22 -17.07
N ALA A 535 29.54 16.68 -15.89
CA ALA A 535 30.09 17.24 -14.66
C ALA A 535 31.58 17.11 -14.73
N LEU A 536 32.30 17.93 -13.97
CA LEU A 536 33.76 17.87 -13.94
C LEU A 536 34.16 16.61 -13.25
N LYS A 537 35.34 16.10 -13.58
CA LYS A 537 35.82 14.87 -12.97
C LYS A 537 35.60 14.91 -11.45
N SER A 538 35.87 16.06 -10.85
CA SER A 538 35.85 16.26 -9.39
C SER A 538 34.47 16.05 -8.77
N GLY A 539 33.42 16.49 -9.48
CA GLY A 539 32.07 16.62 -8.93
C GLY A 539 31.68 18.05 -8.59
N ALA A 540 32.63 18.96 -8.68
CA ALA A 540 32.35 20.33 -8.32
C ALA A 540 31.58 20.97 -9.42
N GLU A 541 30.89 22.03 -9.05
CA GLU A 541 30.33 22.93 -10.02
C GLU A 541 31.43 23.49 -10.89
N HIS A 542 31.01 23.92 -12.08
CA HIS A 542 31.90 24.57 -13.00
C HIS A 542 32.16 26.02 -12.55
N ALA A 543 33.35 26.51 -12.87
CA ALA A 543 33.62 27.92 -12.72
C ALA A 543 32.64 28.73 -13.61
N ARG A 544 32.02 29.75 -13.02
CA ARG A 544 31.24 30.76 -13.76
C ARG A 544 32.00 32.10 -14.09
N THR A 545 33.16 32.29 -13.45
CA THR A 545 33.96 33.49 -13.55
C THR A 545 35.43 33.13 -13.64
N GLY A 546 36.18 34.04 -14.22
CA GLY A 546 37.62 33.94 -14.20
C GLY A 546 38.10 33.06 -15.32
N GLU A 547 39.27 32.48 -15.09
CA GLU A 547 39.94 31.73 -16.14
C GLU A 547 39.05 30.63 -16.73
N LYS A 548 38.38 29.87 -15.86
CA LYS A 548 37.66 28.64 -16.24
C LYS A 548 36.15 28.81 -16.41
N ALA A 549 35.64 30.04 -16.43
CA ALA A 549 34.20 30.25 -16.65
C ALA A 549 33.72 29.45 -17.87
N ALA A 550 32.69 28.64 -17.68
CA ALA A 550 32.21 27.73 -18.71
C ALA A 550 30.85 28.11 -19.23
N PHE A 551 30.37 29.31 -18.89
CA PHE A 551 29.05 29.77 -19.37
C PHE A 551 29.07 31.04 -20.22
N ASP A 552 30.29 31.49 -20.55
CA ASP A 552 30.48 32.73 -21.32
C ASP A 552 29.72 32.66 -22.65
N GLY A 553 29.76 31.53 -23.32
CA GLY A 553 28.80 31.25 -24.40
C GLY A 553 27.46 31.97 -24.34
N TYR A 554 26.89 32.16 -23.15
CA TYR A 554 25.54 32.74 -23.01
C TYR A 554 25.44 34.23 -22.62
N ARG A 555 26.56 34.95 -22.67
CA ARG A 555 26.59 36.42 -22.47
C ARG A 555 26.16 37.07 -23.76
N PRO A 556 25.25 38.07 -23.68
CA PRO A 556 24.96 38.76 -24.92
C PRO A 556 26.19 39.46 -25.50
N VAL A 557 26.13 39.71 -26.81
CA VAL A 557 27.17 40.45 -27.54
C VAL A 557 26.79 41.92 -27.72
N ALA A 558 27.81 42.78 -27.73
CA ALA A 558 27.68 44.18 -28.17
C ALA A 558 26.68 44.22 -29.30
N GLY A 559 25.57 44.91 -29.09
CA GLY A 559 24.52 45.05 -30.09
C GLY A 559 23.44 44.00 -30.12
N SER A 560 23.28 43.22 -29.05
CA SER A 560 22.24 42.18 -29.02
C SER A 560 20.89 42.82 -28.87
N LYS A 561 19.96 42.51 -29.75
CA LYS A 561 18.54 42.85 -29.51
C LYS A 561 17.95 42.18 -28.22
N ALA A 562 18.83 41.51 -27.45
CA ALA A 562 18.56 41.04 -26.10
C ALA A 562 18.88 42.02 -24.95
N ILE A 563 19.88 42.90 -25.14
CA ILE A 563 20.18 43.97 -24.14
C ILE A 563 18.93 44.84 -23.90
N ASN A 564 18.73 45.25 -22.65
CA ASN A 564 17.69 46.21 -22.30
C ASN A 564 16.27 45.96 -22.85
N ALA A 565 15.94 44.77 -23.33
CA ALA A 565 14.63 44.55 -24.00
C ALA A 565 13.59 43.74 -23.19
N GLY A 566 13.98 43.29 -22.00
CA GLY A 566 13.01 42.71 -21.08
C GLY A 566 12.21 43.79 -20.37
N LYS A 567 10.91 43.56 -20.19
CA LYS A 567 10.11 44.38 -19.29
C LYS A 567 10.51 44.07 -17.84
N VAL A 568 10.46 45.06 -16.95
CA VAL A 568 10.57 44.80 -15.51
C VAL A 568 9.40 43.93 -15.16
N VAL A 569 9.63 43.04 -14.20
CA VAL A 569 8.80 41.89 -14.04
C VAL A 569 8.38 41.79 -12.58
N SER A 570 7.09 41.56 -12.43
CA SER A 570 6.44 41.43 -11.16
C SER A 570 6.28 39.95 -10.93
N ASP A 571 7.30 39.35 -10.32
CA ASP A 571 7.27 37.92 -10.01
C ASP A 571 5.97 37.55 -9.31
N LEU A 572 5.20 36.71 -9.96
CA LEU A 572 3.84 36.30 -9.53
C LEU A 572 3.73 35.85 -8.07
N ASN A 573 4.82 35.32 -7.52
CA ASN A 573 4.87 34.75 -6.17
C ASN A 573 5.72 35.59 -5.20
N ASP A 574 5.78 36.89 -5.46
CA ASP A 574 6.41 37.92 -4.60
C ASP A 574 7.92 37.68 -4.36
N TYR A 575 8.60 37.10 -5.35
CA TYR A 575 10.04 36.87 -5.23
C TYR A 575 10.79 38.05 -5.84
N ALA A 576 11.63 38.68 -5.03
CA ALA A 576 12.35 39.86 -5.46
C ALA A 576 13.47 39.50 -6.43
N VAL A 577 13.41 40.02 -7.65
CA VAL A 577 14.52 39.83 -8.63
C VAL A 577 15.74 40.43 -7.96
N GLU A 578 16.89 39.86 -8.21
CA GLU A 578 18.10 40.25 -7.53
C GLU A 578 19.33 40.18 -8.42
N ASN A 579 19.60 39.02 -9.03
CA ASN A 579 20.71 38.92 -9.99
C ASN A 579 20.46 37.92 -11.12
N ASP A 580 21.41 37.84 -12.05
CA ASP A 580 21.30 36.97 -13.23
C ASP A 580 21.99 35.64 -12.93
N PHE A 581 21.94 34.72 -13.89
CA PHE A 581 22.64 33.41 -13.81
C PHE A 581 24.07 33.50 -13.27
N LEU A 582 24.81 34.51 -13.68
CA LEU A 582 26.19 34.67 -13.27
C LEU A 582 26.33 35.40 -11.93
N GLY A 583 25.24 35.98 -11.45
CA GLY A 583 25.19 36.58 -10.12
C GLY A 583 25.42 38.07 -10.08
N ASN A 584 25.81 38.70 -11.21
CA ASN A 584 25.95 40.18 -11.28
C ASN A 584 24.57 40.76 -11.14
N ALA A 585 24.48 41.95 -10.55
CA ALA A 585 23.18 42.52 -10.15
C ALA A 585 22.32 42.87 -11.35
N VAL A 586 21.02 42.69 -11.19
CA VAL A 586 20.02 43.03 -12.21
C VAL A 586 19.23 44.20 -11.63
N LYS A 587 19.60 45.37 -12.12
CA LYS A 587 18.93 46.61 -11.82
C LYS A 587 18.54 47.17 -13.17
N GLY A 588 17.51 48.01 -13.15
CA GLY A 588 17.11 48.72 -14.34
C GLY A 588 16.31 47.80 -15.23
N ARG A 589 16.44 48.07 -16.52
CA ARG A 589 15.70 47.37 -17.56
C ARG A 589 16.35 45.98 -17.65
N PRO A 590 15.58 44.88 -17.41
CA PRO A 590 16.25 43.56 -17.44
C PRO A 590 16.63 43.12 -18.86
N ASP A 591 17.88 42.67 -19.02
CA ASP A 591 18.35 42.09 -20.28
C ASP A 591 17.65 40.76 -20.50
N LEU A 592 17.05 40.59 -21.69
CA LEU A 592 16.38 39.34 -22.07
C LEU A 592 17.26 38.11 -21.83
N GLY A 593 16.61 37.01 -21.43
CA GLY A 593 17.29 35.78 -21.06
C GLY A 593 17.99 35.84 -19.73
N ALA A 594 18.86 34.88 -19.49
CA ALA A 594 19.42 34.67 -18.18
C ALA A 594 20.78 35.33 -17.98
N VAL A 595 21.26 36.08 -18.96
CA VAL A 595 22.56 36.75 -18.77
C VAL A 595 22.51 38.18 -19.30
N GLU A 596 23.27 39.04 -18.61
CA GLU A 596 23.19 40.50 -18.71
C GLU A 596 24.28 41.18 -19.54
N ALA A 597 25.51 40.66 -19.52
CA ALA A 597 26.63 41.26 -20.28
C ALA A 597 27.29 42.43 -19.55
N ALA A 598 28.60 42.30 -19.34
CA ALA A 598 29.44 43.34 -18.71
C ALA A 598 29.58 44.52 -19.69
N GLY B 17 -2.22 -45.31 -10.06
CA GLY B 17 -0.97 -44.48 -10.10
C GLY B 17 -0.21 -44.46 -8.79
N THR B 18 0.69 -43.49 -8.65
CA THR B 18 1.71 -43.45 -7.56
C THR B 18 1.12 -43.05 -6.18
N THR B 19 1.95 -43.07 -5.12
CA THR B 19 1.49 -42.74 -3.76
C THR B 19 2.69 -42.49 -2.83
N TYR B 20 2.93 -41.22 -2.49
CA TYR B 20 4.12 -40.80 -1.71
C TYR B 20 3.85 -40.67 -0.21
N TYR B 21 4.93 -40.56 0.56
CA TYR B 21 4.86 -40.62 2.02
C TYR B 21 5.92 -39.68 2.60
N VAL B 22 5.51 -38.88 3.60
CA VAL B 22 6.41 -37.93 4.26
C VAL B 22 6.26 -38.02 5.76
N SER B 23 7.38 -37.96 6.47
CA SER B 23 7.39 -38.20 7.91
C SER B 23 7.83 -37.01 8.77
N SER B 24 9.12 -36.65 8.78
CA SER B 24 9.68 -35.72 9.79
C SER B 24 9.80 -36.53 11.05
N ALA B 25 11.00 -36.63 11.61
CA ALA B 25 11.26 -37.52 12.78
C ALA B 25 11.67 -38.94 12.33
N HIS B 26 10.82 -39.63 11.57
CA HIS B 26 11.08 -41.01 11.11
C HIS B 26 11.75 -41.12 9.74
N GLY B 27 11.32 -40.29 8.80
CA GLY B 27 11.77 -40.36 7.41
C GLY B 27 13.14 -39.78 7.18
N ASP B 28 13.59 -39.90 5.94
CA ASP B 28 14.89 -39.38 5.47
C ASP B 28 14.72 -39.03 4.01
N ASP B 29 15.22 -37.85 3.63
CA ASP B 29 15.05 -37.33 2.25
C ASP B 29 15.78 -38.16 1.16
N ALA B 30 16.77 -38.96 1.58
CA ALA B 30 17.44 -39.95 0.72
C ALA B 30 16.52 -41.07 0.14
N ASN B 31 15.42 -41.42 0.81
CA ASN B 31 14.64 -42.64 0.48
C ASN B 31 13.92 -42.52 -0.86
N ALA B 32 13.13 -43.53 -1.21
CA ALA B 32 12.39 -43.57 -2.48
C ALA B 32 11.24 -42.60 -2.48
N GLY B 33 10.44 -42.68 -1.41
CA GLY B 33 9.27 -41.87 -1.21
C GLY B 33 7.98 -42.66 -1.28
N THR B 34 8.01 -43.84 -1.91
CA THR B 34 6.74 -44.52 -2.26
C THR B 34 6.29 -45.64 -1.33
N SER B 35 6.99 -45.86 -0.22
CA SER B 35 6.61 -46.93 0.67
C SER B 35 6.46 -46.42 2.10
N GLU B 36 5.38 -46.82 2.78
CA GLU B 36 5.20 -46.49 4.22
C GLU B 36 6.52 -46.55 5.00
N ASN B 37 7.15 -47.70 4.98
CA ASN B 37 8.45 -47.92 5.67
C ASN B 37 9.66 -47.11 5.13
N ALA B 38 9.54 -46.44 3.97
CA ALA B 38 10.57 -45.52 3.45
C ALA B 38 10.00 -44.16 2.94
N PRO B 39 9.88 -43.16 3.86
CA PRO B 39 9.27 -41.90 3.52
C PRO B 39 10.30 -40.77 3.48
N TRP B 40 9.88 -39.64 2.94
CA TRP B 40 10.72 -38.46 2.93
C TRP B 40 10.60 -37.65 4.23
N LYS B 41 11.51 -36.70 4.41
CA LYS B 41 11.55 -35.88 5.62
C LYS B 41 10.96 -34.48 5.38
N SER B 42 11.54 -33.78 4.41
CA SER B 42 11.08 -32.47 4.00
C SER B 42 9.84 -32.59 3.11
N LEU B 43 9.21 -31.44 2.86
CA LEU B 43 8.18 -31.28 1.82
C LEU B 43 8.78 -30.81 0.49
N THR B 44 10.03 -30.33 0.53
CA THR B 44 10.73 -29.87 -0.66
C THR B 44 10.89 -30.98 -1.71
N LYS B 45 10.90 -32.24 -1.28
CA LYS B 45 10.82 -33.34 -2.23
C LYS B 45 9.47 -33.39 -2.98
N VAL B 46 8.38 -33.08 -2.27
CA VAL B 46 7.05 -33.08 -2.88
C VAL B 46 6.95 -31.95 -3.91
N ASN B 47 7.55 -30.80 -3.62
CA ASN B 47 7.54 -29.67 -4.54
C ASN B 47 8.45 -29.93 -5.76
N ASP B 48 9.63 -30.51 -5.53
CA ASP B 48 10.53 -31.00 -6.61
C ASP B 48 9.77 -31.77 -7.70
N ILE B 49 8.76 -32.55 -7.31
CA ILE B 49 7.93 -33.37 -8.23
C ILE B 49 6.48 -32.89 -8.44
N ALA B 50 5.93 -32.09 -7.51
CA ALA B 50 4.45 -31.80 -7.40
C ALA B 50 3.70 -31.46 -8.69
N SER B 51 4.36 -30.69 -9.55
CA SER B 51 3.82 -30.21 -10.82
C SER B 51 3.56 -31.34 -11.83
N ASP B 52 4.25 -32.47 -11.66
CA ASP B 52 4.04 -33.67 -12.49
C ASP B 52 2.70 -34.39 -12.21
N LEU B 53 2.37 -34.53 -10.92
CA LEU B 53 1.17 -35.25 -10.44
C LEU B 53 -0.09 -34.79 -11.21
N GLY B 54 -0.89 -35.62 -11.90
CA GLY B 54 -0.81 -37.09 -11.97
C GLY B 54 -2.06 -37.74 -11.39
N PRO B 55 -3.13 -37.97 -12.21
CA PRO B 55 -4.36 -38.63 -11.70
C PRO B 55 -4.11 -39.91 -10.88
N GLY B 56 -4.88 -40.10 -9.80
CA GLY B 56 -4.72 -41.26 -8.93
C GLY B 56 -3.47 -41.27 -8.05
N ASP B 57 -2.56 -40.31 -8.26
CA ASP B 57 -1.39 -40.15 -7.37
C ASP B 57 -1.85 -39.52 -6.04
N SER B 58 -0.96 -39.55 -5.05
CA SER B 58 -1.26 -39.09 -3.71
C SER B 58 0.00 -38.79 -2.90
N VAL B 59 -0.18 -37.95 -1.87
CA VAL B 59 0.89 -37.57 -0.99
C VAL B 59 0.32 -37.58 0.42
N LEU B 60 0.47 -38.68 1.13
CA LEU B 60 0.02 -38.75 2.49
C LEU B 60 1.18 -38.22 3.32
N LEU B 61 0.85 -37.50 4.40
CA LEU B 61 1.82 -37.06 5.41
C LEU B 61 1.55 -37.84 6.67
N GLU B 62 2.59 -38.04 7.49
CA GLU B 62 2.46 -38.85 8.69
C GLU B 62 1.82 -38.01 9.82
N TYR B 63 0.80 -38.57 10.50
CA TYR B 63 0.17 -37.89 11.65
C TYR B 63 1.20 -37.49 12.72
N GLY B 64 0.98 -36.36 13.38
CA GLY B 64 1.89 -35.84 14.41
C GLY B 64 3.14 -35.16 13.88
N SER B 65 3.22 -34.96 12.56
CA SER B 65 4.36 -34.34 11.92
C SER B 65 4.27 -32.83 12.00
N GLU B 66 5.43 -32.19 12.14
CA GLU B 66 5.54 -30.73 12.21
C GLU B 66 6.60 -30.28 11.18
N PHE B 67 6.12 -29.97 9.99
CA PHE B 67 6.98 -29.48 8.90
C PHE B 67 7.24 -27.95 8.98
N ASN B 68 8.21 -27.55 9.81
CA ASN B 68 8.53 -26.12 9.95
C ASN B 68 9.28 -25.52 8.78
N ASP B 69 9.13 -24.20 8.61
CA ASP B 69 9.67 -23.48 7.46
C ASP B 69 9.48 -24.22 6.12
N GLN B 70 8.35 -24.89 5.96
CA GLN B 70 8.06 -25.69 4.77
C GLN B 70 6.64 -25.41 4.24
N TYR B 71 6.40 -25.85 3.02
CA TYR B 71 5.23 -25.45 2.29
C TYR B 71 5.01 -26.41 1.15
N LEU B 72 3.89 -26.26 0.49
CA LEU B 72 3.46 -27.17 -0.52
C LEU B 72 2.78 -26.34 -1.59
N HIS B 73 3.51 -26.09 -2.68
CA HIS B 73 2.97 -25.38 -3.85
C HIS B 73 2.76 -26.46 -4.90
N ILE B 74 1.67 -26.40 -5.64
CA ILE B 74 1.39 -27.38 -6.69
C ILE B 74 0.97 -26.58 -7.89
N LYS B 75 1.72 -26.65 -8.98
CA LYS B 75 1.46 -25.76 -10.13
C LYS B 75 1.16 -26.51 -11.43
N ASP B 76 0.11 -26.05 -12.12
CA ASP B 76 -0.22 -26.44 -13.51
C ASP B 76 -0.25 -27.93 -13.74
N THR B 77 -1.36 -28.54 -13.36
CA THR B 77 -1.58 -29.98 -13.50
C THR B 77 -3.00 -30.33 -13.07
N ALA B 78 -3.35 -31.60 -13.09
CA ALA B 78 -4.70 -32.04 -12.76
C ALA B 78 -4.77 -33.52 -12.35
N GLY B 79 -5.93 -33.91 -11.85
CA GLY B 79 -6.41 -35.29 -11.91
C GLY B 79 -7.46 -35.34 -13.02
N ASN B 80 -8.45 -36.19 -12.83
CA ASN B 80 -9.65 -36.24 -13.72
C ASN B 80 -10.85 -36.80 -12.96
N ALA B 81 -12.02 -36.83 -13.59
CA ALA B 81 -13.23 -37.43 -12.98
C ALA B 81 -12.96 -38.82 -12.41
N ASP B 82 -12.35 -39.67 -13.23
CA ASP B 82 -12.17 -41.08 -12.90
C ASP B 82 -11.29 -41.20 -11.66
N ALA B 83 -10.17 -40.48 -11.61
CA ALA B 83 -9.34 -40.39 -10.37
C ALA B 83 -8.61 -39.05 -10.20
N PRO B 84 -8.61 -38.49 -8.96
CA PRO B 84 -7.98 -37.21 -8.67
C PRO B 84 -6.64 -37.31 -7.93
N ILE B 85 -5.96 -36.16 -7.84
CA ILE B 85 -4.75 -36.01 -7.01
C ILE B 85 -5.31 -35.98 -5.61
N THR B 86 -4.50 -36.19 -4.58
CA THR B 86 -5.06 -36.20 -3.26
C THR B 86 -4.35 -35.26 -2.31
N ILE B 87 -3.28 -35.73 -1.70
CA ILE B 87 -2.64 -35.07 -0.54
C ILE B 87 -3.52 -35.14 0.72
N SER B 88 -3.04 -35.88 1.71
CA SER B 88 -3.76 -36.15 2.94
C SER B 88 -2.80 -36.72 3.97
N ALA B 89 -3.27 -37.63 4.84
CA ALA B 89 -2.43 -38.17 5.93
C ALA B 89 -2.57 -39.67 6.10
N TYR B 90 -1.47 -40.28 6.57
CA TYR B 90 -1.39 -41.74 6.86
C TYR B 90 -0.88 -41.93 8.32
N GLY B 91 -1.40 -42.96 9.00
CA GLY B 91 -0.89 -43.35 10.33
C GLY B 91 -1.93 -43.46 11.41
N ASP B 92 -1.49 -43.30 12.66
CA ASP B 92 -2.37 -43.30 13.82
C ASP B 92 -3.03 -41.91 13.93
N ALA B 93 -4.34 -41.82 13.65
CA ALA B 93 -5.06 -40.52 13.66
C ALA B 93 -4.98 -39.77 14.99
N ASP B 94 -4.95 -40.53 16.08
CA ASP B 94 -4.82 -39.98 17.42
C ASP B 94 -3.49 -39.27 17.66
N GLU B 95 -2.48 -39.55 16.84
CA GLU B 95 -1.22 -38.77 16.87
C GLU B 95 -1.40 -37.26 16.46
N GLY B 96 -2.54 -36.94 15.84
CA GLY B 96 -2.96 -35.56 15.60
C GLY B 96 -2.50 -35.11 14.24
N LYS B 97 -3.33 -34.32 13.56
CA LYS B 97 -3.14 -33.94 12.15
C LYS B 97 -1.71 -33.43 11.82
N PRO B 98 -1.22 -33.72 10.60
CA PRO B 98 0.12 -33.24 10.21
C PRO B 98 0.16 -31.72 9.95
N VAL B 99 1.07 -31.04 10.65
CA VAL B 99 1.17 -29.58 10.56
C VAL B 99 2.14 -29.19 9.44
N ILE B 100 1.70 -28.29 8.56
CA ILE B 100 2.60 -27.54 7.68
C ILE B 100 2.73 -26.12 8.22
N ALA B 101 3.90 -25.79 8.77
CA ALA B 101 4.20 -24.47 9.37
C ALA B 101 5.19 -23.62 8.52
N SER B 102 4.60 -22.85 7.60
CA SER B 102 5.36 -22.04 6.67
C SER B 102 6.23 -20.97 7.33
N ASN B 103 5.71 -20.42 8.41
CA ASN B 103 6.32 -19.29 9.11
C ASN B 103 6.82 -18.15 8.22
N GLY B 104 6.11 -17.89 7.12
CA GLY B 104 6.42 -16.77 6.22
C GLY B 104 7.77 -16.84 5.50
N VAL B 105 8.27 -18.05 5.33
CA VAL B 105 9.66 -18.25 4.90
C VAL B 105 9.82 -17.90 3.41
N LYS B 106 11.01 -17.40 3.04
CA LYS B 106 11.24 -16.96 1.66
C LYS B 106 10.62 -17.83 0.55
N GLY B 107 10.80 -19.13 0.62
CA GLY B 107 10.33 -20.02 -0.44
C GLY B 107 8.81 -20.16 -0.54
N SER B 108 8.09 -19.74 0.52
CA SER B 108 6.63 -19.65 0.49
C SER B 108 6.13 -18.50 -0.38
N GLN B 109 6.99 -17.51 -0.59
CA GLN B 109 6.65 -16.26 -1.24
C GLN B 109 6.61 -16.44 -2.77
N TRP B 110 5.69 -15.71 -3.41
CA TRP B 110 5.50 -15.72 -4.88
C TRP B 110 4.87 -14.40 -5.27
N GLU B 111 4.97 -13.99 -6.52
CA GLU B 111 4.36 -12.71 -6.92
C GLU B 111 2.95 -12.93 -7.47
N GLN B 112 2.03 -12.12 -6.93
CA GLN B 112 0.64 -12.11 -7.35
C GLN B 112 0.37 -10.87 -8.18
N ASP B 113 -0.40 -11.05 -9.25
CA ASP B 113 -0.71 -9.98 -10.18
C ASP B 113 -2.04 -10.32 -10.87
N TYR B 114 -3.10 -9.56 -10.57
CA TYR B 114 -4.40 -9.78 -11.22
C TYR B 114 -4.33 -9.44 -12.71
N ARG B 115 -3.41 -8.56 -13.05
CA ARG B 115 -3.15 -8.10 -14.41
C ARG B 115 -4.32 -7.32 -14.96
N ALA B 116 -4.90 -6.51 -14.07
CA ALA B 116 -6.13 -5.74 -14.31
C ALA B 116 -6.43 -4.94 -13.05
N ASN B 117 -7.05 -3.78 -13.21
CA ASN B 117 -7.53 -3.06 -12.03
C ASN B 117 -8.73 -3.82 -11.48
N VAL B 118 -8.75 -4.01 -10.16
CA VAL B 118 -9.87 -4.69 -9.46
C VAL B 118 -10.41 -3.91 -8.23
N GLY B 119 -10.63 -2.63 -8.45
CA GLY B 119 -11.18 -1.76 -7.43
C GLY B 119 -10.07 -0.99 -6.78
N ASN B 120 -10.42 -0.24 -5.75
CA ASN B 120 -9.43 0.52 -5.03
C ASN B 120 -8.80 -0.39 -3.97
N HIS B 121 -7.92 -1.27 -4.42
CA HIS B 121 -7.26 -2.23 -3.52
C HIS B 121 -5.89 -2.63 -4.07
N LYS B 122 -4.99 -3.04 -3.17
CA LYS B 122 -3.75 -3.70 -3.62
C LYS B 122 -4.16 -4.88 -4.48
N ASN B 123 -3.62 -4.94 -5.70
CA ASN B 123 -3.92 -6.01 -6.69
C ASN B 123 -2.67 -6.76 -7.19
N LYS B 124 -1.54 -6.54 -6.50
CA LYS B 124 -0.19 -6.81 -7.03
C LYS B 124 0.79 -6.86 -5.85
N GLY B 125 1.63 -7.89 -5.76
CA GLY B 125 2.70 -7.93 -4.75
C GLY B 125 3.11 -9.31 -4.24
N THR B 126 4.03 -9.29 -3.29
CA THR B 126 4.56 -10.49 -2.65
C THR B 126 3.58 -11.11 -1.61
N VAL B 127 3.31 -12.42 -1.78
CA VAL B 127 2.41 -13.23 -0.93
C VAL B 127 3.08 -14.53 -0.45
N SER B 128 3.16 -14.69 0.88
CA SER B 128 3.56 -15.96 1.49
C SER B 128 2.33 -16.85 1.57
N THR B 129 2.44 -18.06 1.03
CA THR B 129 1.37 -19.04 1.13
C THR B 129 1.98 -20.36 1.61
N THR B 130 1.22 -21.09 2.43
CA THR B 130 1.64 -22.37 3.03
C THR B 130 1.21 -23.52 2.11
N LEU B 131 -0.02 -23.48 1.65
CA LEU B 131 -0.48 -24.39 0.63
C LEU B 131 -0.96 -23.58 -0.54
N LEU B 132 -0.26 -23.66 -1.65
CA LEU B 132 -0.70 -23.00 -2.87
C LEU B 132 -1.21 -24.06 -3.85
N LEU B 133 -2.38 -23.80 -4.42
CA LEU B 133 -2.91 -24.56 -5.53
C LEU B 133 -3.11 -23.61 -6.71
N LYS B 134 -2.03 -23.30 -7.42
CA LYS B 134 -2.12 -22.49 -8.63
C LYS B 134 -2.51 -23.35 -9.85
N ASP B 135 -3.71 -23.10 -10.36
CA ASP B 135 -4.22 -23.71 -11.59
C ASP B 135 -4.03 -25.22 -11.55
N VAL B 136 -4.43 -25.81 -10.43
CA VAL B 136 -4.52 -27.26 -10.31
C VAL B 136 -5.98 -27.66 -10.28
N SER B 137 -6.35 -28.71 -11.01
CA SER B 137 -7.74 -29.18 -11.04
C SER B 137 -7.85 -30.63 -10.53
N TYR B 138 -9.08 -31.10 -10.33
CA TYR B 138 -9.34 -32.45 -9.78
C TYR B 138 -8.34 -32.86 -8.66
N ILE B 139 -8.21 -31.99 -7.66
CA ILE B 139 -7.37 -32.26 -6.46
C ILE B 139 -8.30 -32.28 -5.24
N THR B 140 -7.84 -32.94 -4.17
CA THR B 140 -8.66 -33.15 -2.98
C THR B 140 -7.75 -33.15 -1.78
N VAL B 141 -7.50 -31.96 -1.24
CA VAL B 141 -6.63 -31.81 -0.07
C VAL B 141 -7.44 -32.11 1.18
N SER B 142 -6.91 -32.97 2.07
CA SER B 142 -7.65 -33.49 3.24
C SER B 142 -6.80 -33.56 4.48
N ASN B 143 -7.47 -33.48 5.63
CA ASN B 143 -6.93 -33.80 6.96
C ASN B 143 -5.62 -33.09 7.36
N LEU B 144 -5.36 -31.91 6.80
CA LEU B 144 -4.11 -31.20 7.11
C LEU B 144 -4.33 -30.09 8.13
N GLU B 145 -3.27 -29.77 8.86
CA GLU B 145 -3.23 -28.60 9.72
C GLU B 145 -2.22 -27.60 9.15
N ILE B 146 -2.66 -26.36 8.96
CA ILE B 146 -1.92 -25.36 8.19
C ILE B 146 -1.82 -24.02 8.94
N THR B 147 -0.59 -23.60 9.22
CA THR B 147 -0.30 -22.33 9.85
C THR B 147 0.63 -21.50 8.98
N ASN B 148 0.46 -20.18 9.02
CA ASN B 148 1.45 -19.26 8.49
C ASN B 148 1.77 -18.19 9.54
N ASP B 149 2.36 -18.66 10.62
CA ASP B 149 2.55 -17.87 11.84
C ASP B 149 3.76 -16.92 11.75
N ASP B 150 3.65 -15.79 12.43
CA ASP B 150 4.75 -14.89 12.68
C ASP B 150 4.82 -14.84 14.20
N ALA B 151 6.02 -15.12 14.71
CA ALA B 151 6.26 -15.19 16.15
C ALA B 151 6.14 -13.81 16.81
N ASP B 152 6.33 -12.76 16.02
CA ASP B 152 6.21 -11.39 16.48
C ASP B 152 4.76 -10.86 16.41
N VAL B 153 3.78 -11.68 15.99
CA VAL B 153 2.36 -11.36 16.06
C VAL B 153 1.62 -12.37 16.92
N TYR B 154 0.76 -11.89 17.82
CA TYR B 154 0.05 -12.75 18.74
C TYR B 154 -1.16 -12.02 19.35
N ASP B 155 -2.35 -12.49 19.03
CA ASP B 155 -3.57 -11.85 19.50
C ASP B 155 -4.70 -12.86 19.37
N PRO B 156 -4.64 -13.96 20.13
CA PRO B 156 -5.59 -15.03 20.03
C PRO B 156 -7.02 -14.61 20.32
N ILE B 157 -7.95 -15.15 19.54
CA ILE B 157 -9.35 -14.85 19.72
C ILE B 157 -9.89 -15.42 21.02
N ASP B 158 -9.39 -16.57 21.43
CA ASP B 158 -9.93 -17.21 22.62
C ASP B 158 -9.79 -16.39 23.90
N THR B 159 -8.82 -15.47 23.95
CA THR B 159 -8.70 -14.54 25.07
C THR B 159 -8.89 -13.06 24.66
N TRP B 160 -9.46 -12.78 23.48
CA TRP B 160 -9.49 -11.39 22.98
C TRP B 160 -10.47 -10.54 23.78
N LYS B 161 -10.08 -9.31 24.06
CA LYS B 161 -11.00 -8.33 24.68
C LYS B 161 -10.57 -6.90 24.42
N TRP B 162 -11.55 -6.03 24.33
CA TRP B 162 -11.28 -4.61 24.19
C TRP B 162 -10.58 -4.10 25.44
N THR B 163 -9.41 -3.49 25.23
CA THR B 163 -8.53 -2.98 26.29
C THR B 163 -8.55 -1.47 26.20
N ASP B 164 -8.56 -0.74 27.31
CA ASP B 164 -8.31 0.72 27.23
C ASP B 164 -7.04 1.10 26.46
N THR B 165 -6.13 0.14 26.23
CA THR B 165 -4.78 0.42 25.75
C THR B 165 -4.35 -0.67 24.70
N PRO B 166 -3.73 -0.25 23.54
CA PRO B 166 -3.46 -1.27 22.48
C PRO B 166 -2.42 -2.27 22.91
N ASP B 167 -2.55 -3.53 22.51
CA ASP B 167 -1.54 -4.55 22.78
C ASP B 167 -1.20 -4.79 24.28
N SER B 168 -2.10 -4.41 25.19
CA SER B 168 -1.76 -4.22 26.62
C SER B 168 -1.60 -5.48 27.48
N ASP B 169 -1.89 -6.64 26.90
CA ASP B 169 -2.20 -7.84 27.68
C ASP B 169 -1.43 -9.06 27.13
N GLY B 170 -0.16 -8.82 26.81
CA GLY B 170 0.68 -9.82 26.21
C GLY B 170 0.33 -10.09 24.76
N THR B 171 -0.18 -9.08 24.08
CA THR B 171 -0.57 -9.19 22.67
C THR B 171 0.28 -8.22 21.86
N LYS B 172 0.57 -8.58 20.60
CA LYS B 172 1.38 -7.71 19.69
C LYS B 172 0.95 -7.90 18.21
N LEU B 173 0.81 -6.77 17.52
CA LEU B 173 0.35 -6.77 16.15
C LEU B 173 1.29 -6.00 15.20
N ASP B 174 1.33 -6.39 13.95
CA ASP B 174 2.03 -5.59 12.95
C ASP B 174 1.00 -4.81 12.14
N ARG B 175 0.93 -3.53 12.48
CA ARG B 175 -0.08 -2.62 11.95
C ARG B 175 0.32 -1.94 10.66
N SER B 176 1.39 -2.39 10.01
CA SER B 176 1.89 -1.74 8.79
C SER B 176 0.98 -2.08 7.57
N ALA B 177 0.61 -1.03 6.83
CA ALA B 177 -0.15 -1.17 5.59
C ALA B 177 0.56 -2.04 4.58
N SER B 178 1.90 -2.05 4.63
CA SER B 178 2.77 -2.77 3.67
C SER B 178 3.10 -4.17 4.14
N ARG B 179 2.51 -4.61 5.25
CA ARG B 179 2.85 -5.92 5.75
C ARG B 179 2.62 -6.95 4.63
N MET B 180 3.49 -7.94 4.61
CA MET B 180 3.42 -8.97 3.60
C MET B 180 2.15 -9.73 3.80
N ASP B 181 1.41 -9.85 2.70
CA ASP B 181 0.16 -10.60 2.64
C ASP B 181 0.48 -12.07 2.88
N ARG B 182 -0.36 -12.78 3.64
CA ARG B 182 -0.20 -14.24 3.86
C ARG B 182 -1.47 -15.09 3.66
N THR B 183 -1.31 -16.29 3.12
CA THR B 183 -2.45 -17.23 2.98
C THR B 183 -2.17 -18.57 3.63
N GLY B 184 -3.19 -19.16 4.25
CA GLY B 184 -3.11 -20.55 4.67
C GLY B 184 -3.22 -21.50 3.46
N VAL B 185 -4.28 -21.32 2.69
CA VAL B 185 -4.49 -21.99 1.44
C VAL B 185 -4.89 -20.96 0.39
N ALA B 186 -4.15 -20.90 -0.70
CA ALA B 186 -4.56 -20.06 -1.82
C ALA B 186 -4.86 -21.00 -2.95
N GLY B 187 -5.89 -20.67 -3.72
CA GLY B 187 -6.25 -21.39 -4.92
C GLY B 187 -6.27 -20.36 -6.00
N ILE B 188 -5.46 -20.52 -7.05
CA ILE B 188 -5.24 -19.46 -8.03
C ILE B 188 -5.40 -19.92 -9.48
N ALA B 189 -6.33 -19.29 -10.20
CA ALA B 189 -6.47 -19.47 -11.63
C ALA B 189 -5.98 -18.23 -12.36
N GLU B 190 -4.87 -18.35 -13.08
CA GLU B 190 -4.34 -17.29 -13.93
C GLU B 190 -3.88 -17.82 -15.28
N ASN B 191 -4.44 -18.93 -15.72
CA ASN B 191 -4.10 -19.46 -17.04
C ASN B 191 -5.15 -19.20 -18.10
N GLY B 192 -6.23 -18.50 -17.77
CA GLY B 192 -7.24 -18.13 -18.79
C GLY B 192 -8.17 -19.29 -19.09
N ALA B 193 -8.28 -20.18 -18.10
CA ALA B 193 -9.02 -21.43 -18.19
C ALA B 193 -9.70 -21.64 -16.86
N THR B 194 -10.74 -22.47 -16.90
CA THR B 194 -11.36 -22.98 -15.69
C THR B 194 -10.41 -23.87 -14.90
N MET B 195 -10.35 -23.61 -13.59
CA MET B 195 -9.75 -24.49 -12.59
C MET B 195 -10.91 -25.12 -11.81
N SER B 196 -10.96 -26.46 -11.73
CA SER B 196 -12.17 -27.17 -11.27
C SER B 196 -11.90 -28.28 -10.28
N ASN B 197 -12.99 -28.86 -9.77
CA ASN B 197 -12.99 -30.04 -8.90
C ASN B 197 -11.92 -30.03 -7.83
N VAL B 198 -11.81 -28.89 -7.13
CA VAL B 198 -10.93 -28.74 -5.96
C VAL B 198 -11.75 -28.96 -4.69
N THR B 199 -11.18 -29.67 -3.74
CA THR B 199 -11.92 -30.03 -2.54
C THR B 199 -11.03 -29.94 -1.32
N LEU B 200 -11.41 -29.05 -0.43
CA LEU B 200 -10.79 -28.92 0.85
C LEU B 200 -11.78 -29.55 1.80
N ASP B 201 -11.24 -30.38 2.71
CA ASP B 201 -12.02 -31.24 3.61
C ASP B 201 -11.25 -31.52 4.88
N ASN B 202 -11.81 -31.12 6.02
CA ASN B 202 -11.21 -31.32 7.35
C ASN B 202 -9.79 -30.74 7.53
N LEU B 203 -9.51 -29.58 6.93
CA LEU B 203 -8.25 -28.87 7.20
C LEU B 203 -8.48 -28.06 8.45
N TYR B 204 -7.42 -27.78 9.19
CA TYR B 204 -7.52 -26.93 10.38
C TYR B 204 -6.50 -25.84 10.13
N ILE B 205 -6.96 -24.76 9.49
CA ILE B 205 -6.12 -23.59 9.18
C ILE B 205 -6.10 -22.54 10.32
N HIS B 206 -4.92 -22.21 10.82
CA HIS B 206 -4.83 -21.20 11.87
C HIS B 206 -3.50 -20.48 11.99
N ASP B 207 -3.54 -19.37 12.72
CA ASP B 207 -2.40 -18.50 12.94
C ASP B 207 -1.74 -18.12 11.59
N VAL B 208 -2.54 -17.53 10.72
CA VAL B 208 -2.08 -16.98 9.44
C VAL B 208 -2.03 -15.46 9.65
N ASP B 209 -0.88 -14.98 10.11
CA ASP B 209 -0.73 -13.56 10.43
C ASP B 209 -0.49 -12.74 9.18
N GLY B 210 -1.51 -12.65 8.34
CA GLY B 210 -1.44 -11.80 7.16
C GLY B 210 -1.45 -10.30 7.48
N ASN B 211 -1.59 -9.52 6.44
CA ASN B 211 -1.75 -8.07 6.51
C ASN B 211 -3.18 -7.79 7.04
N ILE B 212 -3.34 -6.73 7.80
CA ILE B 212 -4.62 -6.36 8.38
C ILE B 212 -5.66 -5.74 7.38
N TYR B 213 -5.19 -5.02 6.37
CA TYR B 213 -6.01 -4.12 5.52
C TYR B 213 -6.48 -4.77 4.24
N ASN B 214 -5.62 -5.56 3.60
CA ASN B 214 -5.85 -5.94 2.22
C ASN B 214 -6.93 -6.99 2.01
N LYS B 215 -7.89 -6.63 1.17
CA LYS B 215 -9.10 -7.43 0.98
C LYS B 215 -9.00 -8.44 -0.15
N HIS B 216 -8.18 -8.17 -1.18
CA HIS B 216 -8.17 -9.00 -2.37
C HIS B 216 -6.83 -9.54 -2.84
N MET B 217 -5.77 -9.32 -2.08
CA MET B 217 -4.60 -10.20 -2.16
C MET B 217 -4.98 -11.53 -1.53
N ALA B 218 -4.23 -12.58 -1.81
CA ALA B 218 -4.39 -13.84 -1.10
C ALA B 218 -3.97 -13.70 0.35
N ASN B 219 -4.81 -13.02 1.11
CA ASN B 219 -4.49 -12.53 2.47
C ASN B 219 -5.58 -12.99 3.45
N GLY B 220 -5.32 -14.09 4.12
CA GLY B 220 -6.34 -14.70 4.94
C GLY B 220 -6.20 -16.21 5.03
N GLY B 221 -7.20 -16.85 5.64
CA GLY B 221 -7.20 -18.29 5.89
C GLY B 221 -7.24 -19.14 4.63
N ILE B 222 -8.22 -18.87 3.77
CA ILE B 222 -8.38 -19.50 2.47
C ILE B 222 -8.86 -18.46 1.50
N TYR B 223 -8.25 -18.42 0.32
CA TYR B 223 -8.67 -17.47 -0.69
C TYR B 223 -8.53 -18.06 -2.10
N PHE B 224 -9.59 -17.93 -2.89
CA PHE B 224 -9.60 -18.40 -4.24
C PHE B 224 -9.84 -17.20 -5.15
N MET B 225 -8.91 -16.93 -6.06
CA MET B 225 -8.93 -15.73 -6.92
C MET B 225 -8.60 -16.11 -8.34
N ALA B 226 -8.92 -15.20 -9.26
CA ALA B 226 -8.69 -15.38 -10.68
C ALA B 226 -8.06 -14.12 -11.21
N HIS B 227 -6.98 -14.30 -11.98
CA HIS B 227 -6.29 -13.19 -12.67
C HIS B 227 -6.42 -13.33 -14.18
N TYR B 228 -6.19 -12.25 -14.90
CA TYR B 228 -5.85 -12.35 -16.33
C TYR B 228 -4.48 -13.03 -16.41
N PRO B 229 -4.20 -13.81 -17.51
CA PRO B 229 -2.82 -14.32 -17.69
C PRO B 229 -1.85 -13.24 -18.23
N MET B 230 -2.38 -12.23 -18.92
CA MET B 230 -1.62 -11.07 -19.38
C MET B 230 -2.37 -9.75 -19.15
N GLU B 231 -1.60 -8.68 -19.00
CA GLU B 231 -2.12 -7.33 -18.97
C GLU B 231 -3.03 -7.13 -20.20
N ASN B 232 -4.23 -6.62 -20.02
CA ASN B 232 -5.10 -6.28 -21.16
C ASN B 232 -4.65 -5.02 -21.93
N THR B 233 -3.61 -5.20 -22.74
CA THR B 233 -2.89 -4.13 -23.46
C THR B 233 -3.59 -3.52 -24.69
N SER B 234 -4.39 -4.31 -25.40
CA SER B 234 -4.85 -3.93 -26.73
C SER B 234 -6.18 -4.53 -27.09
N ALA B 235 -6.76 -4.04 -28.18
CA ALA B 235 -7.95 -4.64 -28.77
C ALA B 235 -7.84 -6.17 -28.90
N GLU B 236 -6.64 -6.64 -29.28
CA GLU B 236 -6.35 -8.06 -29.57
C GLU B 236 -6.38 -8.91 -28.29
N THR B 237 -5.77 -8.40 -27.23
CA THR B 237 -5.90 -9.03 -25.90
C THR B 237 -7.32 -9.05 -25.39
N ASP B 238 -8.10 -8.01 -25.67
CA ASP B 238 -9.48 -7.96 -25.17
C ASP B 238 -10.34 -9.08 -25.74
N VAL B 239 -10.31 -9.23 -27.07
CA VAL B 239 -10.96 -10.34 -27.79
C VAL B 239 -10.63 -11.74 -27.20
N TRP B 240 -9.41 -11.94 -26.75
CA TRP B 240 -8.92 -13.22 -26.26
C TRP B 240 -9.36 -13.49 -24.82
N LEU B 241 -9.20 -12.46 -23.99
CA LEU B 241 -9.62 -12.48 -22.58
C LEU B 241 -11.15 -12.61 -22.45
N ARG B 242 -11.90 -11.88 -23.28
CA ARG B 242 -13.34 -12.07 -23.38
C ARG B 242 -13.76 -13.50 -23.60
N GLU B 243 -12.90 -14.35 -24.17
CA GLU B 243 -13.23 -15.77 -24.38
C GLU B 243 -12.49 -16.75 -23.48
N HIS B 244 -11.22 -16.51 -23.20
CA HIS B 244 -10.42 -17.39 -22.33
C HIS B 244 -10.42 -16.84 -20.90
N VAL B 245 -10.97 -17.62 -19.97
CA VAL B 245 -11.42 -17.11 -18.67
C VAL B 245 -10.90 -17.94 -17.51
N SER B 246 -10.01 -17.32 -16.73
CA SER B 246 -9.64 -17.81 -15.39
C SER B 246 -10.86 -17.66 -14.45
N ARG B 247 -11.20 -18.74 -13.76
CA ARG B 247 -12.51 -18.93 -13.12
C ARG B 247 -12.47 -20.27 -12.42
N PHE B 248 -13.36 -20.50 -11.46
CA PHE B 248 -13.41 -21.78 -10.76
C PHE B 248 -14.69 -22.54 -11.06
N ASP B 249 -14.74 -23.80 -10.69
CA ASP B 249 -15.95 -24.63 -10.84
C ASP B 249 -15.87 -25.89 -9.99
N HIS B 250 -16.95 -26.27 -9.33
CA HIS B 250 -16.93 -27.42 -8.40
C HIS B 250 -15.76 -27.29 -7.40
N VAL B 251 -15.68 -26.10 -6.80
CA VAL B 251 -14.84 -25.87 -5.66
C VAL B 251 -15.73 -26.17 -4.49
N THR B 252 -15.23 -27.00 -3.56
CA THR B 252 -16.02 -27.40 -2.42
C THR B 252 -15.10 -27.42 -1.19
N ILE B 253 -15.43 -26.59 -0.20
CA ILE B 253 -14.70 -26.46 1.08
C ILE B 253 -15.60 -26.93 2.26
N ARG B 254 -15.10 -27.81 3.12
CA ARG B 254 -15.92 -28.36 4.18
C ARG B 254 -15.21 -28.96 5.38
N ASN B 255 -15.95 -29.04 6.48
CA ASN B 255 -15.49 -29.67 7.74
C ASN B 255 -14.21 -29.06 8.28
N SER B 256 -13.92 -27.86 7.81
CA SER B 256 -12.66 -27.19 8.05
C SER B 256 -12.86 -26.08 9.07
N THR B 257 -11.77 -25.72 9.70
CA THR B 257 -11.78 -24.74 10.73
C THR B 257 -10.68 -23.75 10.38
N VAL B 258 -11.08 -22.49 10.15
CA VAL B 258 -10.19 -21.36 9.96
C VAL B 258 -10.22 -20.50 11.23
N LYS B 259 -9.06 -20.24 11.82
CA LYS B 259 -9.04 -19.52 13.08
C LYS B 259 -7.82 -18.66 13.22
N ASP B 260 -7.96 -17.54 13.94
CA ASP B 260 -6.84 -16.64 14.22
C ASP B 260 -6.08 -16.26 12.92
N VAL B 261 -6.85 -15.74 11.97
CA VAL B 261 -6.33 -15.31 10.66
C VAL B 261 -6.51 -13.82 10.42
N ASP B 262 -5.78 -13.33 9.42
CA ASP B 262 -5.84 -11.95 8.96
C ASP B 262 -5.58 -11.93 7.45
N ARG B 263 -6.36 -11.24 6.64
CA ARG B 263 -7.59 -10.55 6.98
C ARG B 263 -8.81 -11.50 6.87
N TRP B 264 -9.07 -12.02 5.67
CA TRP B 264 -10.24 -12.84 5.41
C TRP B 264 -10.14 -14.25 6.02
N GLY B 265 -11.28 -14.80 6.43
CA GLY B 265 -11.36 -16.19 6.87
C GLY B 265 -11.35 -17.09 5.65
N ILE B 266 -12.46 -17.09 4.91
CA ILE B 266 -12.60 -17.86 3.69
C ILE B 266 -13.22 -16.95 2.65
N ALA B 267 -12.51 -16.72 1.56
CA ALA B 267 -13.07 -15.97 0.45
C ALA B 267 -12.88 -16.74 -0.83
N VAL B 268 -13.89 -16.75 -1.70
CA VAL B 268 -13.81 -17.47 -2.96
C VAL B 268 -14.44 -16.67 -4.06
N GLY B 269 -13.70 -16.61 -5.18
CA GLY B 269 -14.22 -16.15 -6.48
C GLY B 269 -13.78 -14.79 -7.03
N TYR B 270 -13.05 -13.99 -6.24
CA TYR B 270 -12.65 -12.64 -6.69
C TYR B 270 -11.86 -12.82 -7.96
N THR B 271 -12.06 -11.95 -8.93
CA THR B 271 -11.64 -12.26 -10.29
C THR B 271 -11.33 -10.98 -11.05
N ALA B 272 -10.17 -10.99 -11.72
CA ALA B 272 -9.82 -9.88 -12.57
C ALA B 272 -10.90 -9.68 -13.63
N TYR B 273 -11.69 -10.73 -13.89
CA TYR B 273 -12.78 -10.68 -14.87
C TYR B 273 -14.00 -9.91 -14.40
N LEU B 274 -13.97 -9.39 -13.18
CA LEU B 274 -14.97 -8.37 -12.79
C LEU B 274 -15.05 -7.24 -13.82
N ASN B 275 -13.94 -6.96 -14.50
CA ASN B 275 -13.95 -5.94 -15.54
C ASN B 275 -14.95 -6.19 -16.66
N TYR B 276 -15.33 -7.45 -16.88
CA TYR B 276 -16.46 -7.79 -17.75
C TYR B 276 -17.76 -7.90 -16.96
N ILE B 277 -17.73 -8.60 -15.81
CA ILE B 277 -18.98 -8.80 -15.03
C ILE B 277 -19.57 -7.49 -14.52
N ASP B 278 -18.71 -6.54 -14.17
CA ASP B 278 -19.13 -5.23 -13.64
C ASP B 278 -19.00 -4.15 -14.74
N ALA B 279 -18.96 -4.58 -16.01
CA ALA B 279 -18.80 -3.64 -17.13
C ALA B 279 -19.91 -2.58 -17.14
N ASN B 280 -21.17 -3.02 -16.96
CA ASN B 280 -22.33 -2.13 -16.88
C ASN B 280 -23.14 -2.54 -15.68
N TYR B 281 -23.29 -1.65 -14.69
CA TYR B 281 -24.03 -1.99 -13.46
C TYR B 281 -25.54 -2.14 -13.74
N GLY B 282 -26.11 -1.13 -14.39
CA GLY B 282 -27.49 -1.13 -14.87
C GLY B 282 -28.51 -1.82 -14.01
N ASP B 283 -29.11 -1.09 -13.09
CA ASP B 283 -30.25 -1.58 -12.29
C ASP B 283 -29.99 -2.76 -11.32
N GLY B 284 -28.80 -3.36 -11.40
CA GLY B 284 -28.31 -4.26 -10.37
C GLY B 284 -28.43 -5.74 -10.67
N SER B 285 -29.36 -6.10 -11.56
CA SER B 285 -29.57 -7.48 -11.95
C SER B 285 -28.37 -8.00 -12.69
N ILE B 286 -28.19 -9.32 -12.61
CA ILE B 286 -27.01 -9.99 -13.13
C ILE B 286 -27.45 -11.11 -14.08
N ASP B 287 -27.13 -10.97 -15.36
CA ASP B 287 -27.51 -11.94 -16.37
C ASP B 287 -26.87 -13.29 -16.02
N ASP B 288 -27.66 -14.36 -16.19
CA ASP B 288 -27.21 -15.71 -15.83
C ASP B 288 -26.04 -16.21 -16.67
N ALA B 289 -26.05 -15.86 -17.96
CA ALA B 289 -25.04 -16.37 -18.89
C ALA B 289 -23.74 -15.70 -18.56
N LEU B 290 -23.81 -14.37 -18.42
CA LEU B 290 -22.67 -13.55 -18.01
C LEU B 290 -21.98 -14.06 -16.73
N ILE B 291 -22.74 -14.27 -15.66
CA ILE B 291 -22.14 -14.76 -14.44
C ILE B 291 -21.64 -16.20 -14.60
N ALA B 292 -22.28 -16.97 -15.48
CA ALA B 292 -21.83 -18.34 -15.76
C ALA B 292 -20.45 -18.35 -16.48
N LYS B 293 -20.29 -17.46 -17.45
CA LYS B 293 -19.10 -17.40 -18.27
C LYS B 293 -17.84 -16.91 -17.57
N TYR B 294 -17.99 -15.76 -16.92
CA TYR B 294 -16.89 -15.01 -16.30
C TYR B 294 -16.69 -15.24 -14.79
N GLY B 295 -17.77 -15.65 -14.12
CA GLY B 295 -17.75 -15.97 -12.69
C GLY B 295 -17.37 -17.41 -12.42
N SER B 296 -17.46 -17.83 -11.17
CA SER B 296 -17.22 -19.21 -10.80
C SER B 296 -18.55 -19.91 -10.57
N THR B 297 -18.61 -21.20 -10.91
CA THR B 297 -19.85 -22.02 -10.81
C THR B 297 -19.73 -23.14 -9.78
N ASN B 298 -20.87 -23.63 -9.30
CA ASN B 298 -20.96 -24.81 -8.40
C ASN B 298 -19.98 -24.71 -7.25
N VAL B 299 -19.99 -23.56 -6.61
CA VAL B 299 -19.21 -23.35 -5.40
C VAL B 299 -20.09 -23.84 -4.23
N ARG B 300 -19.48 -24.66 -3.36
CA ARG B 300 -20.14 -25.19 -2.19
C ARG B 300 -19.23 -25.02 -0.97
N ILE B 301 -19.72 -24.28 0.03
CA ILE B 301 -19.05 -24.12 1.35
C ILE B 301 -19.93 -24.76 2.44
N GLU B 302 -19.42 -25.79 3.11
CA GLU B 302 -20.23 -26.68 3.95
C GLU B 302 -19.56 -26.97 5.28
N ASN B 303 -20.31 -26.89 6.38
CA ASN B 303 -19.84 -27.43 7.68
C ASN B 303 -18.51 -26.90 8.18
N ASN B 304 -18.23 -25.62 7.89
CA ASN B 304 -17.01 -24.98 8.38
C ASN B 304 -17.24 -24.14 9.63
N TYR B 305 -16.12 -23.79 10.27
CA TYR B 305 -16.07 -22.93 11.43
C TYR B 305 -15.03 -21.84 11.19
N VAL B 306 -15.47 -20.57 11.20
CA VAL B 306 -14.54 -19.47 11.11
C VAL B 306 -14.64 -18.64 12.38
N LYS B 307 -13.53 -18.59 13.09
CA LYS B 307 -13.44 -17.92 14.35
C LYS B 307 -12.22 -17.02 14.37
N GLY B 308 -12.41 -15.77 14.77
CA GLY B 308 -11.30 -14.86 14.94
C GLY B 308 -10.59 -14.48 13.64
N ALA B 309 -11.34 -14.39 12.55
CA ALA B 309 -10.82 -13.70 11.39
C ALA B 309 -10.65 -12.22 11.74
N GLY B 310 -9.59 -11.63 11.20
CA GLY B 310 -9.31 -10.23 11.40
C GLY B 310 -10.40 -9.43 10.79
N GLY B 311 -10.84 -9.85 9.62
CA GLY B 311 -11.85 -9.16 8.82
C GLY B 311 -13.16 -9.92 8.71
N ASP B 312 -13.73 -9.88 7.51
CA ASP B 312 -14.94 -10.65 7.17
C ASP B 312 -14.71 -12.17 7.42
N ALA B 313 -15.80 -12.92 7.67
CA ALA B 313 -15.73 -14.38 8.00
C ALA B 313 -15.68 -15.26 6.73
N ILE B 314 -16.78 -15.23 5.95
CA ILE B 314 -16.93 -16.07 4.80
C ILE B 314 -17.60 -15.26 3.73
N THR B 315 -16.96 -15.11 2.58
CA THR B 315 -17.51 -14.30 1.55
C THR B 315 -17.37 -14.94 0.19
N LEU B 316 -18.47 -14.96 -0.58
CA LEU B 316 -18.50 -15.54 -1.91
C LEU B 316 -18.56 -14.41 -2.88
N MET B 317 -17.71 -14.49 -3.91
CA MET B 317 -17.51 -13.37 -4.79
C MET B 317 -17.61 -13.83 -6.21
N TYR B 318 -18.48 -13.17 -6.97
CA TYR B 318 -18.59 -13.43 -8.40
C TYR B 318 -18.89 -14.90 -8.68
N CYS B 319 -19.71 -15.50 -7.80
CA CYS B 319 -20.11 -16.90 -7.92
C CYS B 319 -21.49 -17.00 -8.55
N ASP B 320 -21.72 -18.07 -9.33
CA ASP B 320 -23.07 -18.38 -9.87
C ASP B 320 -23.71 -19.38 -8.91
N ARG B 321 -24.87 -19.01 -8.37
CA ARG B 321 -25.62 -19.87 -7.44
C ARG B 321 -24.71 -20.73 -6.55
N PRO B 322 -23.85 -20.08 -5.73
CA PRO B 322 -23.05 -20.84 -4.78
C PRO B 322 -23.94 -21.34 -3.67
N VAL B 323 -23.49 -22.33 -2.89
CA VAL B 323 -24.25 -22.81 -1.73
C VAL B 323 -23.41 -22.80 -0.44
N ILE B 324 -23.95 -22.14 0.57
CA ILE B 324 -23.26 -21.84 1.82
C ILE B 324 -24.21 -22.36 2.87
N GLU B 325 -23.82 -23.43 3.55
CA GLU B 325 -24.73 -24.14 4.41
C GLU B 325 -24.01 -24.83 5.58
N HIS B 326 -24.68 -24.89 6.72
CA HIS B 326 -24.17 -25.60 7.90
C HIS B 326 -22.83 -25.05 8.43
N ASN B 327 -22.53 -23.78 8.14
CA ASN B 327 -21.30 -23.14 8.65
C ASN B 327 -21.57 -22.35 9.93
N VAL B 328 -20.51 -22.14 10.71
CA VAL B 328 -20.57 -21.37 11.92
C VAL B 328 -19.48 -20.27 11.91
N GLY B 329 -19.90 -19.01 11.78
CA GLY B 329 -19.01 -17.86 11.93
C GLY B 329 -19.06 -17.39 13.36
N ASP B 330 -17.98 -16.80 13.86
CA ASP B 330 -17.87 -16.50 15.26
C ASP B 330 -16.73 -15.52 15.54
N SER B 331 -17.07 -14.35 16.09
CA SER B 331 -16.08 -13.41 16.63
C SER B 331 -15.10 -12.91 15.58
N VAL B 332 -15.62 -12.43 14.47
CA VAL B 332 -14.75 -11.92 13.41
C VAL B 332 -14.69 -10.41 13.52
N SER B 333 -14.03 -9.78 12.54
CA SER B 333 -13.70 -8.37 12.61
C SER B 333 -12.86 -8.09 13.88
N LYS B 334 -12.04 -9.04 14.31
CA LYS B 334 -11.17 -8.87 15.46
C LYS B 334 -10.31 -7.61 15.29
N HIS B 335 -9.76 -7.38 14.09
CA HIS B 335 -8.90 -6.23 13.87
C HIS B 335 -9.53 -5.03 13.18
N ILE B 336 -10.85 -5.05 12.98
CA ILE B 336 -11.55 -3.94 12.33
C ILE B 336 -11.99 -2.95 13.40
N ASN B 337 -11.03 -2.15 13.83
CA ASN B 337 -11.18 -1.24 14.98
C ASN B 337 -10.06 -0.21 15.03
N THR B 338 -10.23 0.85 15.83
CA THR B 338 -9.35 2.03 15.83
C THR B 338 -7.95 1.82 16.41
N GLN B 339 -7.82 0.91 17.36
CA GLN B 339 -6.50 0.50 17.90
C GLN B 339 -5.67 -0.34 16.89
N ASP B 340 -6.31 -1.25 16.17
CA ASP B 340 -5.61 -2.20 15.29
C ASP B 340 -5.55 -1.80 13.81
N TYR B 341 -6.56 -1.06 13.34
CA TYR B 341 -6.70 -0.70 11.92
C TYR B 341 -6.23 0.73 11.71
N THR B 342 -4.94 0.93 11.97
CA THR B 342 -4.39 2.28 12.10
C THR B 342 -3.88 2.91 10.82
N GLN B 343 -3.61 2.11 9.79
CA GLN B 343 -3.05 2.58 8.51
C GLN B 343 -3.96 2.24 7.33
N PRO B 344 -5.23 2.72 7.36
CA PRO B 344 -6.16 2.47 6.26
C PRO B 344 -5.82 3.20 4.94
N GLY B 345 -4.93 4.19 4.98
CA GLY B 345 -4.46 4.90 3.75
C GLY B 345 -5.61 5.39 2.89
N SER B 346 -5.52 5.12 1.59
CA SER B 346 -6.58 5.45 0.62
C SER B 346 -7.49 4.25 0.25
N TYR B 347 -7.14 3.04 0.71
CA TYR B 347 -8.04 1.88 0.52
C TYR B 347 -9.23 1.88 1.51
N GLY B 348 -8.97 2.30 2.73
CA GLY B 348 -9.99 2.34 3.76
C GLY B 348 -10.29 0.91 4.16
N GLY B 349 -11.52 0.50 3.92
CA GLY B 349 -11.99 -0.83 4.29
C GLY B 349 -12.04 -1.18 5.77
N ARG B 350 -12.28 -0.19 6.66
CA ARG B 350 -12.45 -0.48 8.10
C ARG B 350 -13.89 -0.93 8.41
N VAL B 351 -14.25 -2.02 7.73
CA VAL B 351 -15.60 -2.49 7.59
C VAL B 351 -15.53 -3.97 7.32
N ALA B 352 -16.32 -4.75 8.06
CA ALA B 352 -16.47 -6.19 7.81
C ALA B 352 -17.84 -6.69 8.27
N ALA B 353 -18.33 -7.75 7.61
CA ALA B 353 -19.56 -8.46 7.96
C ALA B 353 -19.27 -9.95 8.13
N GLY B 354 -20.25 -10.75 8.52
CA GLY B 354 -20.02 -12.18 8.79
C GLY B 354 -19.97 -13.08 7.56
N ILE B 355 -21.12 -13.64 7.16
CA ILE B 355 -21.18 -14.64 6.09
C ILE B 355 -22.05 -14.08 4.98
N TRP B 356 -21.47 -13.89 3.80
CA TRP B 356 -22.14 -13.05 2.79
C TRP B 356 -21.63 -13.15 1.37
N PRO B 357 -22.40 -12.62 0.38
CA PRO B 357 -21.99 -12.64 -1.01
C PRO B 357 -21.75 -11.24 -1.63
N TRP B 358 -20.87 -11.22 -2.61
CA TRP B 358 -20.59 -10.03 -3.35
C TRP B 358 -20.77 -10.40 -4.83
N ARG B 359 -21.69 -9.71 -5.46
CA ARG B 359 -22.03 -9.86 -6.84
C ARG B 359 -22.06 -11.29 -7.30
N CYS B 360 -22.93 -12.04 -6.61
CA CYS B 360 -23.35 -13.37 -7.00
C CYS B 360 -24.76 -13.31 -7.59
N LYS B 361 -25.14 -14.35 -8.32
CA LYS B 361 -26.52 -14.50 -8.80
C LYS B 361 -27.10 -15.67 -8.04
N ASP B 362 -28.26 -15.41 -7.40
CA ASP B 362 -29.05 -16.40 -6.65
C ASP B 362 -28.23 -17.28 -5.67
N PRO B 363 -27.31 -16.65 -4.92
CA PRO B 363 -26.61 -17.44 -3.92
C PRO B 363 -27.55 -17.85 -2.78
N VAL B 364 -27.30 -19.00 -2.18
CA VAL B 364 -28.15 -19.54 -1.14
C VAL B 364 -27.33 -19.82 0.13
N PHE B 365 -27.76 -19.13 1.19
CA PHE B 365 -27.12 -19.13 2.49
C PHE B 365 -28.16 -19.71 3.42
N GLN B 366 -27.89 -20.90 3.96
CA GLN B 366 -28.89 -21.64 4.74
C GLN B 366 -28.31 -22.54 5.82
N TYR B 367 -29.05 -22.74 6.89
CA TYR B 367 -28.57 -23.54 8.04
C TYR B 367 -27.19 -23.09 8.61
N ASN B 368 -26.86 -21.81 8.49
CA ASN B 368 -25.66 -21.30 9.14
C ASN B 368 -26.00 -20.60 10.47
N GLU B 369 -25.02 -20.65 11.39
CA GLU B 369 -25.00 -19.88 12.64
C GLU B 369 -23.89 -18.79 12.66
N MET B 370 -24.23 -17.51 12.86
CA MET B 370 -23.23 -16.42 13.00
C MET B 370 -23.30 -15.73 14.37
N TYR B 371 -22.19 -15.78 15.11
CA TYR B 371 -22.10 -15.21 16.46
C TYR B 371 -21.16 -14.03 16.59
N ASN B 372 -21.60 -12.97 17.23
CA ASN B 372 -20.68 -12.02 17.88
C ASN B 372 -19.72 -11.25 16.95
N ASN B 373 -20.17 -10.88 15.77
CA ASN B 373 -19.32 -10.09 14.88
C ASN B 373 -18.84 -8.82 15.60
N LEU B 374 -17.54 -8.69 15.77
CA LEU B 374 -17.00 -7.69 16.69
C LEU B 374 -16.84 -6.24 16.16
N ASN B 375 -16.77 -5.31 17.13
CA ASN B 375 -16.12 -4.00 16.99
C ASN B 375 -16.87 -2.88 16.29
N ALA B 376 -18.17 -3.00 16.13
CA ALA B 376 -18.94 -1.86 15.68
C ALA B 376 -18.85 -0.71 16.69
N GLU B 377 -18.62 -1.05 17.96
CA GLU B 377 -18.43 -0.04 19.03
C GLU B 377 -17.14 0.74 18.85
N HIS B 378 -16.20 0.22 18.07
CA HIS B 378 -14.83 0.66 18.10
C HIS B 378 -14.28 0.85 16.70
N GLY B 379 -15.13 1.19 15.75
CA GLY B 379 -14.64 1.54 14.40
C GLY B 379 -15.06 0.64 13.23
N ASN B 380 -15.63 -0.52 13.50
CA ASN B 380 -16.21 -1.35 12.43
C ASN B 380 -17.45 -0.61 12.00
N GLY B 381 -17.38 -0.02 10.80
CA GLY B 381 -18.52 0.65 10.18
C GLY B 381 -19.63 -0.27 9.65
N ASP B 382 -19.48 -1.58 9.86
CA ASP B 382 -20.51 -2.56 9.65
C ASP B 382 -20.69 -3.35 10.94
N GLY B 383 -20.38 -4.64 10.97
CA GLY B 383 -20.58 -5.47 12.14
C GLY B 383 -21.77 -6.39 12.08
N GLN B 384 -22.29 -6.65 10.88
CA GLN B 384 -23.52 -7.46 10.74
C GLN B 384 -23.20 -8.95 10.62
N ALA B 385 -24.19 -9.77 11.00
CA ALA B 385 -24.09 -11.22 10.88
C ALA B 385 -24.15 -11.61 9.43
N TRP B 386 -25.13 -11.03 8.73
CA TRP B 386 -25.40 -11.26 7.32
C TRP B 386 -25.39 -9.91 6.54
N ASP B 387 -25.09 -9.94 5.25
CA ASP B 387 -25.02 -8.73 4.44
C ASP B 387 -25.32 -9.13 3.04
N ALA B 388 -26.52 -8.80 2.58
CA ALA B 388 -26.88 -9.00 1.19
C ALA B 388 -26.33 -7.79 0.44
N ASP B 389 -25.07 -7.87 0.05
CA ASP B 389 -24.36 -6.75 -0.60
C ASP B 389 -24.77 -6.69 -2.06
N TYR B 390 -24.14 -5.76 -2.80
CA TYR B 390 -24.26 -5.70 -4.26
C TYR B 390 -24.36 -7.10 -4.81
N GLY B 391 -25.39 -7.35 -5.59
CA GLY B 391 -25.75 -8.71 -5.96
C GLY B 391 -27.23 -8.84 -6.27
N ASP B 392 -27.58 -9.98 -6.86
CA ASP B 392 -28.92 -10.29 -7.37
C ASP B 392 -29.33 -11.63 -6.80
N GLY B 393 -30.39 -11.64 -5.99
CA GLY B 393 -31.04 -12.91 -5.57
C GLY B 393 -30.54 -13.59 -4.31
N THR B 394 -29.99 -12.84 -3.38
CA THR B 394 -29.42 -13.47 -2.21
C THR B 394 -30.56 -14.09 -1.37
N LEU B 395 -30.42 -15.36 -1.04
CA LEU B 395 -31.40 -16.05 -0.24
C LEU B 395 -30.78 -16.44 1.07
N TYR B 396 -31.12 -15.70 2.12
CA TYR B 396 -30.77 -16.10 3.49
C TYR B 396 -31.95 -16.85 4.06
N GLN B 397 -31.72 -18.07 4.55
CA GLN B 397 -32.81 -18.85 5.15
C GLN B 397 -32.38 -19.90 6.18
N TYR B 398 -33.22 -20.09 7.19
CA TYR B 398 -33.01 -21.05 8.27
C TYR B 398 -31.67 -20.75 9.03
N ASN B 399 -31.32 -19.46 9.09
CA ASN B 399 -30.11 -19.02 9.80
C ASN B 399 -30.38 -18.41 11.18
N TYR B 400 -29.47 -18.70 12.11
CA TYR B 400 -29.43 -18.08 13.45
C TYR B 400 -28.28 -17.05 13.60
N SER B 401 -28.60 -15.81 13.95
CA SER B 401 -27.59 -14.80 14.37
C SER B 401 -27.75 -14.46 15.84
N TYR B 402 -26.65 -14.41 16.59
CA TYR B 402 -26.64 -13.86 17.97
C TYR B 402 -25.50 -12.90 18.22
N GLY B 403 -25.80 -11.85 18.97
CA GLY B 403 -24.78 -11.08 19.66
C GLY B 403 -23.91 -10.21 18.80
N ASN B 404 -24.34 -9.94 17.56
CA ASN B 404 -23.53 -9.20 16.63
C ASN B 404 -23.56 -7.71 16.99
N SER B 405 -22.43 -7.03 16.80
CA SER B 405 -22.28 -5.63 17.29
C SER B 405 -23.10 -4.58 16.51
N PHE B 406 -23.37 -4.87 15.24
CA PHE B 406 -24.25 -4.03 14.42
C PHE B 406 -25.14 -4.88 13.52
N ALA B 407 -26.33 -5.21 14.01
CA ALA B 407 -27.49 -5.76 13.21
C ALA B 407 -27.36 -7.17 12.70
N SER B 408 -28.50 -7.77 12.33
CA SER B 408 -28.50 -9.14 11.77
C SER B 408 -28.20 -9.10 10.30
N LEU B 409 -28.98 -8.34 9.54
CA LEU B 409 -28.90 -8.29 8.10
C LEU B 409 -28.77 -6.87 7.64
N MET B 410 -27.69 -6.60 6.91
CA MET B 410 -27.63 -5.45 6.02
C MET B 410 -28.09 -5.85 4.62
N ILE B 411 -28.75 -4.92 3.94
CA ILE B 411 -28.96 -4.97 2.49
C ILE B 411 -28.26 -3.72 1.93
N CYS B 412 -27.22 -3.91 1.14
CA CYS B 412 -26.25 -2.82 0.98
C CYS B 412 -26.28 -2.06 -0.33
N ASN B 413 -26.98 -0.93 -0.33
CA ASN B 413 -26.85 0.10 -1.39
C ASN B 413 -27.46 -0.28 -2.72
N TRP B 414 -27.51 0.72 -3.59
CA TRP B 414 -28.19 0.67 -4.89
C TRP B 414 -28.21 -0.68 -5.57
N TYR B 415 -27.07 -1.38 -5.65
CA TYR B 415 -26.99 -2.63 -6.43
C TYR B 415 -27.12 -3.89 -5.63
N ALA B 416 -27.61 -3.79 -4.41
CA ALA B 416 -28.13 -4.96 -3.71
C ALA B 416 -29.62 -5.02 -4.01
N VAL B 417 -30.04 -6.10 -4.63
CA VAL B 417 -31.41 -6.23 -5.13
C VAL B 417 -31.91 -7.65 -4.99
N ASN B 418 -33.24 -7.78 -4.98
CA ASN B 418 -33.93 -9.06 -5.00
C ASN B 418 -33.46 -10.02 -3.94
N THR B 419 -33.40 -9.51 -2.72
CA THR B 419 -32.96 -10.29 -1.58
C THR B 419 -34.20 -10.90 -0.94
N THR B 420 -34.08 -12.14 -0.48
CA THR B 420 -35.09 -12.78 0.33
C THR B 420 -34.43 -13.32 1.60
N PHE B 421 -34.98 -12.89 2.74
CA PHE B 421 -34.45 -13.21 4.07
C PHE B 421 -35.60 -13.81 4.86
N ARG B 422 -35.59 -15.13 5.06
CA ARG B 422 -36.74 -15.81 5.61
C ARG B 422 -36.44 -16.99 6.53
N TYR B 423 -37.39 -17.27 7.41
CA TYR B 423 -37.27 -18.37 8.34
C TYR B 423 -35.97 -18.36 9.08
N ASN B 424 -35.52 -17.16 9.42
CA ASN B 424 -34.30 -16.96 10.21
C ASN B 424 -34.68 -16.53 11.62
N ILE B 425 -33.73 -16.71 12.55
CA ILE B 425 -33.84 -16.16 13.90
C ILE B 425 -32.65 -15.22 14.19
N SER B 426 -32.94 -14.01 14.66
CA SER B 426 -31.92 -13.07 15.20
C SER B 426 -32.14 -12.94 16.70
N GLN B 427 -31.11 -13.18 17.50
CA GLN B 427 -31.22 -13.07 18.94
C GLN B 427 -30.14 -12.21 19.56
N ASN B 428 -30.56 -11.12 20.18
CA ASN B 428 -29.66 -10.22 20.90
C ASN B 428 -28.65 -9.53 19.99
N ASP B 429 -29.10 -9.17 18.78
CA ASP B 429 -28.26 -8.48 17.82
C ASP B 429 -28.44 -6.99 18.02
N ARG B 430 -27.35 -6.23 17.96
CA ARG B 430 -27.29 -4.88 18.52
C ARG B 430 -27.30 -3.71 17.51
N GLN B 431 -27.87 -2.58 17.98
CA GLN B 431 -27.96 -1.32 17.24
C GLN B 431 -28.91 -1.30 16.03
N GLY B 432 -29.85 -2.24 16.03
CA GLY B 432 -30.73 -2.52 14.86
C GLY B 432 -30.76 -4.03 14.53
N VAL B 433 -31.86 -4.53 13.93
CA VAL B 433 -31.87 -5.90 13.40
C VAL B 433 -31.75 -5.90 11.90
N PHE B 434 -32.47 -4.98 11.26
CA PHE B 434 -32.41 -4.81 9.83
C PHE B 434 -31.77 -3.49 9.48
N ASP B 435 -30.84 -3.53 8.54
CA ASP B 435 -30.00 -2.39 8.21
C ASP B 435 -30.12 -2.18 6.70
N LEU B 436 -30.70 -1.04 6.30
CA LEU B 436 -31.18 -0.80 4.96
C LEU B 436 -30.65 0.51 4.43
N PRO B 437 -29.34 0.61 4.20
CA PRO B 437 -28.78 1.87 3.69
C PRO B 437 -28.84 2.04 2.17
N SER B 438 -29.88 2.72 1.70
CA SER B 438 -30.01 3.12 0.28
C SER B 438 -30.00 1.92 -0.70
N ASN B 439 -30.48 0.76 -0.24
CA ASN B 439 -30.54 -0.45 -1.06
C ASN B 439 -31.61 -0.38 -2.13
N GLY B 440 -31.36 -1.08 -3.23
CA GLY B 440 -32.33 -1.19 -4.31
C GLY B 440 -33.49 -2.12 -3.96
N PRO B 441 -34.50 -2.16 -4.85
CA PRO B 441 -35.78 -2.86 -4.64
C PRO B 441 -35.74 -4.40 -4.65
N GLY B 442 -36.91 -5.01 -4.42
CA GLY B 442 -37.15 -6.44 -4.58
C GLY B 442 -37.01 -7.25 -3.30
N ASN B 443 -36.77 -6.56 -2.19
CA ASN B 443 -36.37 -7.24 -0.96
C ASN B 443 -37.58 -7.60 -0.13
N HIS B 444 -37.51 -8.80 0.43
CA HIS B 444 -38.62 -9.43 1.05
C HIS B 444 -38.13 -10.15 2.27
N ILE B 445 -38.65 -9.73 3.41
CA ILE B 445 -38.21 -10.23 4.69
C ILE B 445 -39.46 -10.81 5.29
N TYR B 446 -39.45 -12.12 5.55
CA TYR B 446 -40.65 -12.76 5.99
C TYR B 446 -40.43 -14.04 6.76
N ASN B 447 -41.42 -14.39 7.55
CA ASN B 447 -41.36 -15.52 8.48
C ASN B 447 -40.07 -15.64 9.31
N ASN B 448 -39.50 -14.52 9.75
CA ASN B 448 -38.36 -14.59 10.67
C ASN B 448 -38.87 -14.35 12.07
N THR B 449 -38.08 -14.69 13.06
CA THR B 449 -38.41 -14.35 14.46
C THR B 449 -37.19 -13.64 15.08
N VAL B 450 -37.38 -12.37 15.43
CA VAL B 450 -36.30 -11.50 15.90
C VAL B 450 -36.46 -11.01 17.36
N TYR B 451 -35.43 -11.28 18.17
CA TYR B 451 -35.40 -10.96 19.60
C TYR B 451 -34.55 -9.70 19.83
N VAL B 452 -35.24 -8.63 20.19
CA VAL B 452 -34.68 -7.31 20.25
C VAL B 452 -34.57 -6.85 21.71
N ASP B 453 -33.33 -6.67 22.17
CA ASP B 453 -33.09 -6.35 23.56
C ASP B 453 -32.93 -4.84 23.77
N ALA B 454 -32.61 -4.41 24.99
CA ALA B 454 -32.44 -2.98 25.28
C ALA B 454 -31.26 -2.28 24.55
N ASP B 455 -30.29 -3.04 24.04
CA ASP B 455 -29.25 -2.47 23.17
C ASP B 455 -29.64 -2.34 21.69
N SER B 456 -30.85 -2.79 21.34
CA SER B 456 -31.28 -2.86 19.94
C SER B 456 -32.68 -2.31 19.73
N GLN B 457 -33.03 -2.22 18.46
CA GLN B 457 -34.35 -1.86 17.99
C GLN B 457 -34.55 -2.64 16.69
N VAL B 458 -35.61 -2.36 15.93
CA VAL B 458 -35.89 -3.11 14.69
C VAL B 458 -35.00 -2.67 13.53
N LEU B 459 -34.86 -1.36 13.34
CA LEU B 459 -34.14 -0.83 12.19
C LEU B 459 -32.96 -0.08 12.65
N THR B 460 -31.85 -0.14 11.91
CA THR B 460 -30.69 0.68 12.23
C THR B 460 -31.06 2.16 12.04
N LYS B 461 -30.51 3.02 12.86
CA LYS B 461 -30.68 4.47 12.69
C LYS B 461 -30.47 4.96 11.24
N ARG B 462 -29.53 4.37 10.51
CA ARG B 462 -29.22 4.83 9.16
C ARG B 462 -30.07 4.24 8.03
N SER B 463 -30.95 3.28 8.36
CA SER B 463 -31.88 2.67 7.39
C SER B 463 -32.77 3.73 6.75
N ASN B 464 -33.04 3.55 5.47
CA ASN B 464 -33.84 4.51 4.71
C ASN B 464 -34.53 3.95 3.48
N SER B 465 -34.57 2.62 3.32
CA SER B 465 -34.91 2.01 2.02
C SER B 465 -35.85 0.78 2.02
N GLN B 466 -36.19 0.36 0.81
CA GLN B 466 -37.19 -0.68 0.58
C GLN B 466 -36.88 -1.96 1.28
N SER B 467 -37.84 -2.41 2.07
CA SER B 467 -38.02 -3.84 2.32
C SER B 467 -39.52 -4.07 2.55
N LEU B 468 -39.92 -5.33 2.48
CA LEU B 468 -41.32 -5.72 2.68
C LEU B 468 -41.33 -6.73 3.76
N PHE B 469 -41.85 -6.36 4.92
CA PHE B 469 -41.90 -7.28 6.06
C PHE B 469 -43.25 -7.99 6.06
N GLU B 470 -43.25 -9.33 6.18
CA GLU B 470 -44.48 -10.13 6.31
C GLU B 470 -44.25 -11.37 7.18
N ASN B 471 -45.30 -11.83 7.86
CA ASN B 471 -45.23 -13.02 8.70
C ASN B 471 -44.13 -13.11 9.74
N ASN B 472 -43.53 -11.97 10.09
CA ASN B 472 -42.47 -11.94 11.11
C ASN B 472 -43.06 -11.82 12.48
N ILE B 473 -42.39 -12.39 13.47
CA ILE B 473 -42.61 -12.06 14.87
C ILE B 473 -41.52 -11.07 15.38
N PHE B 474 -41.89 -9.82 15.57
CA PHE B 474 -41.00 -8.88 16.23
C PHE B 474 -41.24 -8.93 17.73
N ILE B 475 -40.22 -9.29 18.51
CA ILE B 475 -40.33 -9.34 19.99
C ILE B 475 -39.56 -8.20 20.67
N ASN B 476 -40.29 -7.32 21.34
CA ASN B 476 -39.66 -6.36 22.25
C ASN B 476 -39.29 -7.10 23.50
N ALA B 477 -37.99 -7.23 23.76
CA ALA B 477 -37.50 -7.93 24.94
C ALA B 477 -36.96 -6.96 25.98
N THR B 478 -37.64 -5.83 26.17
CA THR B 478 -37.35 -4.89 27.25
C THR B 478 -38.46 -4.96 28.29
N ASN B 479 -38.34 -4.20 29.39
CA ASN B 479 -39.31 -4.22 30.50
C ASN B 479 -40.41 -3.15 30.38
N THR B 480 -40.79 -2.77 29.16
CA THR B 480 -41.72 -1.68 28.95
C THR B 480 -42.33 -1.85 27.58
N LYS B 481 -43.62 -1.56 27.49
CA LYS B 481 -44.29 -1.60 26.20
C LYS B 481 -43.71 -0.48 25.33
N LYS B 482 -42.87 -0.88 24.37
CA LYS B 482 -42.03 0.03 23.64
C LYS B 482 -42.78 0.69 22.51
N THR B 483 -42.58 1.99 22.36
CA THR B 483 -43.01 2.70 21.18
C THR B 483 -41.84 2.68 20.17
N GLU B 484 -41.90 1.73 19.23
CA GLU B 484 -40.82 1.51 18.27
C GLU B 484 -40.88 2.50 17.10
N THR B 485 -39.74 2.77 16.46
CA THR B 485 -39.70 3.51 15.20
C THR B 485 -39.69 2.44 14.13
N TRP B 486 -40.85 2.24 13.52
CA TRP B 486 -41.04 1.20 12.51
C TRP B 486 -40.70 1.71 11.10
N ASN B 487 -40.47 3.02 10.94
CA ASN B 487 -40.25 3.62 9.64
C ASN B 487 -39.22 4.78 9.61
N ARG B 488 -38.27 4.68 8.67
CA ARG B 488 -37.26 5.70 8.39
C ARG B 488 -37.10 5.79 6.91
N GLY B 489 -37.14 6.99 6.35
CA GLY B 489 -36.92 7.18 4.93
C GLY B 489 -38.08 6.73 4.05
N SER B 490 -38.02 7.22 2.82
CA SER B 490 -39.01 6.86 1.79
C SER B 490 -38.31 6.51 0.48
N GLN B 491 -37.06 6.05 0.57
CA GLN B 491 -36.27 5.78 -0.62
C GLN B 491 -36.72 4.42 -1.21
N ASN B 492 -36.99 4.40 -2.53
CA ASN B 492 -37.75 3.30 -3.16
C ASN B 492 -39.02 3.11 -2.32
N GLY B 493 -39.57 1.91 -2.18
CA GLY B 493 -40.80 1.75 -1.38
C GLY B 493 -40.73 2.29 0.06
N GLY B 494 -39.55 2.22 0.67
CA GLY B 494 -39.43 2.37 2.10
C GLY B 494 -39.93 1.10 2.75
N GLN B 495 -40.08 1.15 4.07
CA GLN B 495 -40.39 -0.05 4.84
C GLN B 495 -41.88 -0.34 4.79
N THR B 496 -42.25 -1.56 4.41
CA THR B 496 -43.65 -1.94 4.17
C THR B 496 -43.97 -3.26 4.89
N TYR B 497 -44.99 -3.24 5.75
CA TYR B 497 -45.29 -4.34 6.67
C TYR B 497 -46.69 -4.90 6.44
N ASP B 498 -46.86 -6.20 6.59
CA ASP B 498 -48.18 -6.78 6.60
C ASP B 498 -48.24 -8.16 7.23
N ASN B 499 -49.28 -8.39 8.02
CA ASN B 499 -49.49 -9.69 8.62
C ASN B 499 -48.26 -10.13 9.42
N ASN B 500 -47.62 -9.18 10.09
CA ASN B 500 -46.54 -9.49 11.06
C ASN B 500 -47.16 -9.52 12.44
N MET B 501 -46.51 -10.25 13.35
CA MET B 501 -46.81 -10.20 14.78
C MET B 501 -45.84 -9.24 15.51
N TYR B 502 -46.33 -8.69 16.62
CA TYR B 502 -45.75 -7.57 17.33
C TYR B 502 -45.88 -7.78 18.82
N VAL B 503 -44.92 -8.50 19.39
CA VAL B 503 -44.98 -8.87 20.79
C VAL B 503 -44.43 -7.74 21.67
N ASN B 504 -45.19 -7.40 22.71
CA ASN B 504 -44.81 -6.43 23.76
C ASN B 504 -44.46 -4.99 23.30
N TYR B 505 -45.03 -4.52 22.18
CA TYR B 505 -44.89 -3.11 21.79
C TYR B 505 -46.18 -2.39 22.11
N ALA B 506 -46.06 -1.07 22.31
CA ALA B 506 -47.19 -0.18 22.55
C ALA B 506 -47.79 0.31 21.24
N ASN B 507 -47.02 0.21 20.15
CA ASN B 507 -47.47 0.64 18.82
C ASN B 507 -47.25 -0.46 17.75
N LYS B 508 -47.36 -0.03 16.49
CA LYS B 508 -47.12 -0.87 15.34
C LYS B 508 -46.94 0.06 14.12
N PRO B 509 -46.64 -0.53 12.92
CA PRO B 509 -46.53 0.35 11.76
C PRO B 509 -47.89 0.73 11.13
N THR B 510 -47.99 2.00 10.76
CA THR B 510 -49.03 2.55 9.89
C THR B 510 -49.31 1.63 8.71
N SER B 511 -48.23 1.16 8.09
CA SER B 511 -48.24 0.22 6.96
C SER B 511 -49.08 -1.04 7.18
N ASP B 512 -49.07 -1.60 8.37
CA ASP B 512 -49.70 -2.90 8.56
C ASP B 512 -51.15 -2.82 9.01
N ALA B 513 -52.04 -3.07 8.06
CA ALA B 513 -53.48 -3.20 8.33
C ALA B 513 -53.91 -4.67 8.54
N ASN B 514 -53.00 -5.50 9.05
CA ASN B 514 -53.27 -6.91 9.34
C ASN B 514 -52.47 -7.35 10.54
N ALA B 515 -52.18 -6.42 11.46
CA ALA B 515 -51.26 -6.69 12.57
C ALA B 515 -51.82 -7.74 13.54
N ILE B 516 -50.96 -8.33 14.35
CA ILE B 516 -51.34 -9.39 15.32
C ILE B 516 -50.57 -9.04 16.61
N GLU B 517 -51.20 -8.27 17.47
CA GLU B 517 -50.55 -7.78 18.67
C GLU B 517 -50.64 -8.86 19.73
N ALA B 518 -49.56 -9.05 20.48
CA ALA B 518 -49.56 -9.91 21.67
C ALA B 518 -49.02 -9.11 22.87
N ASP B 519 -49.29 -9.58 24.10
CA ASP B 519 -48.84 -8.89 25.33
C ASP B 519 -47.57 -9.52 25.87
N ASP B 520 -47.61 -10.81 26.14
CA ASP B 520 -46.47 -11.51 26.72
C ASP B 520 -45.95 -12.50 25.67
N VAL B 521 -44.63 -12.59 25.57
CA VAL B 521 -43.96 -13.60 24.74
C VAL B 521 -44.20 -15.05 25.21
N SER B 522 -44.45 -15.24 26.51
CA SER B 522 -44.75 -16.58 27.01
C SER B 522 -46.09 -17.12 26.55
N ALA B 523 -47.02 -16.22 26.24
CA ALA B 523 -48.24 -16.56 25.51
C ALA B 523 -48.00 -17.01 24.05
N VAL B 524 -46.85 -16.64 23.47
CA VAL B 524 -46.56 -16.92 22.05
C VAL B 524 -45.56 -18.02 21.81
N LEU B 525 -44.43 -18.04 22.54
CA LEU B 525 -43.38 -19.03 22.33
C LEU B 525 -42.85 -19.60 23.65
N ALA B 526 -42.27 -20.80 23.55
CA ALA B 526 -41.91 -21.60 24.71
C ALA B 526 -40.95 -20.88 25.66
N GLY B 527 -39.81 -20.44 25.12
CA GLY B 527 -38.69 -19.85 25.88
C GLY B 527 -37.89 -18.89 24.98
N ALA B 528 -38.51 -17.80 24.56
CA ALA B 528 -37.80 -16.80 23.76
C ALA B 528 -36.58 -16.22 24.50
N GLY B 529 -35.56 -15.90 23.72
CA GLY B 529 -34.23 -15.57 24.23
C GLY B 529 -33.36 -16.75 24.60
N SER B 530 -33.89 -17.97 24.49
CA SER B 530 -33.25 -19.14 25.07
C SER B 530 -32.14 -19.77 24.19
N ALA B 531 -32.02 -19.35 22.93
CA ALA B 531 -31.12 -19.99 21.98
C ALA B 531 -29.69 -19.56 22.29
N PRO B 532 -28.70 -20.25 21.67
CA PRO B 532 -27.37 -20.16 22.32
C PRO B 532 -26.71 -18.78 22.25
N THR B 533 -25.84 -18.52 23.21
CA THR B 533 -25.07 -17.27 23.26
C THR B 533 -23.70 -17.39 22.61
N SER B 534 -23.39 -18.60 22.14
CA SER B 534 -22.09 -18.91 21.58
C SER B 534 -22.12 -20.05 20.55
N ALA B 535 -21.04 -20.16 19.78
CA ALA B 535 -20.80 -21.28 18.91
C ALA B 535 -20.53 -22.45 19.83
N LEU B 536 -20.75 -23.68 19.39
CA LEU B 536 -20.29 -24.82 20.19
C LEU B 536 -18.78 -24.82 20.31
N LYS B 537 -18.23 -25.33 21.40
CA LYS B 537 -16.78 -25.40 21.57
C LYS B 537 -16.06 -26.10 20.39
N SER B 538 -16.71 -27.12 19.82
CA SER B 538 -16.16 -27.88 18.70
C SER B 538 -16.03 -27.06 17.42
N GLY B 539 -16.96 -26.14 17.22
CA GLY B 539 -17.08 -25.36 15.98
C GLY B 539 -18.36 -25.71 15.26
N ALA B 540 -18.90 -26.87 15.58
CA ALA B 540 -20.09 -27.38 14.89
C ALA B 540 -21.38 -26.61 15.16
N GLU B 541 -22.28 -26.74 14.18
CA GLU B 541 -23.70 -26.40 14.32
C GLU B 541 -24.25 -26.94 15.62
N HIS B 542 -25.07 -26.14 16.29
CA HIS B 542 -25.98 -26.69 17.29
C HIS B 542 -27.01 -27.60 16.64
N ALA B 543 -27.22 -28.76 17.28
CA ALA B 543 -28.39 -29.63 17.03
C ALA B 543 -29.67 -28.82 17.14
N ARG B 544 -30.53 -28.96 16.13
CA ARG B 544 -31.85 -28.34 16.10
C ARG B 544 -33.02 -29.29 16.41
N THR B 545 -32.74 -30.59 16.65
CA THR B 545 -33.76 -31.57 17.10
C THR B 545 -33.18 -32.62 18.07
N GLY B 546 -34.08 -33.29 18.79
CA GLY B 546 -33.70 -34.39 19.68
C GLY B 546 -33.12 -33.90 20.98
N GLU B 547 -32.41 -34.79 21.66
CA GLU B 547 -31.84 -34.57 22.99
C GLU B 547 -31.19 -33.18 23.16
N LYS B 548 -30.32 -32.82 22.21
CA LYS B 548 -29.49 -31.57 22.28
C LYS B 548 -30.09 -30.42 21.47
N ALA B 549 -31.35 -30.49 21.10
CA ALA B 549 -31.99 -29.37 20.43
C ALA B 549 -31.71 -28.03 21.19
N ALA B 550 -31.26 -27.02 20.46
CA ALA B 550 -30.81 -25.77 21.04
C ALA B 550 -31.79 -24.62 20.85
N PHE B 551 -32.72 -24.72 19.91
CA PHE B 551 -33.63 -23.62 19.59
C PHE B 551 -35.08 -23.88 19.96
N ASP B 552 -35.30 -24.83 20.87
CA ASP B 552 -36.67 -25.21 21.23
C ASP B 552 -37.50 -24.10 21.89
N GLY B 553 -36.84 -23.12 22.50
CA GLY B 553 -37.52 -21.97 23.02
C GLY B 553 -38.27 -21.15 21.99
N TYR B 554 -38.00 -21.34 20.69
CA TYR B 554 -38.67 -20.54 19.65
C TYR B 554 -39.90 -21.22 19.01
N ARG B 555 -40.22 -22.42 19.52
CA ARG B 555 -41.43 -23.19 19.13
C ARG B 555 -42.70 -22.55 19.70
N PRO B 556 -43.72 -22.26 18.84
CA PRO B 556 -45.02 -21.80 19.31
C PRO B 556 -45.57 -22.65 20.43
N VAL B 557 -46.16 -22.00 21.43
CA VAL B 557 -46.80 -22.73 22.53
C VAL B 557 -48.24 -23.12 22.18
N ALA B 558 -48.71 -24.14 22.87
CA ALA B 558 -50.06 -24.62 22.76
C ALA B 558 -51.03 -23.46 22.80
N GLY B 559 -51.71 -23.27 21.68
CA GLY B 559 -52.72 -22.24 21.55
C GLY B 559 -52.11 -20.89 21.33
N SER B 560 -50.88 -20.84 20.81
CA SER B 560 -50.19 -19.58 20.55
C SER B 560 -50.87 -18.81 19.41
N LYS B 561 -50.96 -17.49 19.53
CA LYS B 561 -51.64 -16.61 18.54
C LYS B 561 -51.08 -16.72 17.14
N ALA B 562 -49.76 -16.82 17.09
CA ALA B 562 -48.99 -17.17 15.89
C ALA B 562 -49.64 -18.23 15.01
N ILE B 563 -49.93 -19.37 15.63
CA ILE B 563 -50.28 -20.61 14.89
C ILE B 563 -51.43 -20.36 13.88
N ASN B 564 -51.24 -20.87 12.66
CA ASN B 564 -52.14 -20.73 11.50
C ASN B 564 -52.66 -19.32 11.27
N ALA B 565 -51.92 -18.29 11.71
CA ALA B 565 -52.36 -16.88 11.59
C ALA B 565 -51.47 -16.05 10.67
N GLY B 566 -50.51 -16.71 10.00
CA GLY B 566 -49.71 -16.04 8.97
C GLY B 566 -50.37 -16.15 7.61
N LYS B 567 -50.19 -15.15 6.76
CA LYS B 567 -50.66 -15.22 5.36
C LYS B 567 -49.94 -16.28 4.50
N VAL B 568 -50.15 -16.23 3.19
CA VAL B 568 -49.59 -17.20 2.27
C VAL B 568 -48.56 -16.40 1.51
N VAL B 569 -47.29 -16.77 1.68
CA VAL B 569 -46.27 -15.92 1.13
C VAL B 569 -46.07 -16.25 -0.33
N SER B 570 -46.13 -15.17 -1.11
CA SER B 570 -45.89 -15.18 -2.54
C SER B 570 -44.56 -14.43 -2.76
N ASP B 571 -43.47 -15.19 -2.74
CA ASP B 571 -42.11 -14.64 -2.79
C ASP B 571 -41.85 -13.64 -3.91
N LEU B 572 -41.07 -12.61 -3.61
CA LEU B 572 -40.84 -11.50 -4.56
C LEU B 572 -39.81 -11.80 -5.62
N ASN B 573 -39.02 -12.87 -5.39
CA ASN B 573 -37.90 -13.29 -6.26
C ASN B 573 -38.09 -14.77 -6.65
N ASP B 574 -39.35 -15.23 -6.62
CA ASP B 574 -39.80 -16.50 -7.19
C ASP B 574 -39.20 -17.74 -6.54
N TYR B 575 -38.57 -17.60 -5.36
CA TYR B 575 -38.14 -18.75 -4.56
C TYR B 575 -39.38 -19.20 -3.79
N ALA B 576 -40.01 -20.29 -4.22
CA ALA B 576 -41.22 -20.76 -3.52
C ALA B 576 -40.90 -21.38 -2.13
N VAL B 577 -41.88 -21.29 -1.23
CA VAL B 577 -41.73 -21.64 0.19
C VAL B 577 -41.57 -23.12 0.40
N GLU B 578 -40.36 -23.56 0.71
CA GLU B 578 -40.13 -24.97 0.96
C GLU B 578 -40.45 -25.18 2.44
N ASN B 579 -39.47 -25.48 3.29
CA ASN B 579 -39.68 -25.79 4.71
C ASN B 579 -39.41 -24.57 5.61
N ASP B 580 -39.25 -24.85 6.92
CA ASP B 580 -39.04 -23.85 7.97
C ASP B 580 -37.70 -24.01 8.72
N PHE B 581 -37.43 -23.06 9.63
CA PHE B 581 -36.15 -23.01 10.35
C PHE B 581 -35.65 -24.35 10.88
N LEU B 582 -36.55 -25.16 11.43
CA LEU B 582 -36.18 -26.40 12.13
C LEU B 582 -36.03 -27.66 11.24
N GLY B 583 -36.28 -27.51 9.93
CA GLY B 583 -36.38 -28.66 9.02
C GLY B 583 -37.81 -28.93 8.60
N ASN B 584 -38.76 -28.59 9.47
CA ASN B 584 -40.12 -29.05 9.34
C ASN B 584 -40.86 -28.41 8.20
N ALA B 585 -41.62 -29.25 7.53
CA ALA B 585 -42.33 -28.85 6.34
C ALA B 585 -43.46 -27.88 6.72
N VAL B 586 -43.48 -26.75 6.03
CA VAL B 586 -44.56 -25.81 6.20
C VAL B 586 -45.82 -26.50 5.73
N LYS B 587 -46.85 -26.43 6.58
CA LYS B 587 -48.15 -27.07 6.34
C LYS B 587 -48.85 -26.45 5.11
N GLY B 588 -49.49 -25.30 5.30
CA GLY B 588 -50.31 -24.68 4.27
C GLY B 588 -51.09 -23.67 5.05
N ARG B 589 -51.08 -22.41 4.62
CA ARG B 589 -51.36 -21.28 5.53
C ARG B 589 -50.49 -21.47 6.80
N PRO B 590 -49.35 -20.77 6.88
CA PRO B 590 -48.36 -21.06 7.90
C PRO B 590 -48.47 -20.31 9.25
N ASP B 591 -47.89 -20.96 10.28
CA ASP B 591 -47.63 -20.39 11.60
C ASP B 591 -46.65 -19.22 11.45
N LEU B 592 -46.81 -18.19 12.28
CA LEU B 592 -45.99 -16.96 12.19
C LEU B 592 -44.55 -17.06 12.70
N GLY B 593 -43.69 -16.22 12.13
CA GLY B 593 -42.29 -16.22 12.49
C GLY B 593 -41.59 -17.44 11.92
N ALA B 594 -40.55 -17.88 12.60
CA ALA B 594 -39.61 -18.83 12.01
C ALA B 594 -39.90 -20.29 12.29
N VAL B 595 -40.78 -20.60 13.24
CA VAL B 595 -41.01 -21.98 13.64
C VAL B 595 -42.49 -22.35 13.66
N GLU B 596 -42.78 -23.58 13.23
CA GLU B 596 -44.12 -24.14 13.13
C GLU B 596 -44.43 -25.05 14.33
N ALA B 597 -45.73 -25.19 14.61
CA ALA B 597 -46.23 -25.95 15.75
C ALA B 597 -46.46 -27.42 15.38
N ALA B 598 -45.66 -28.32 15.94
CA ALA B 598 -45.75 -29.78 15.72
C ALA B 598 -46.69 -30.46 16.73
C1 NGA C . 6.19 12.88 -10.20
C2 NGA C . 5.47 12.32 -8.98
C3 NGA C . 6.31 12.11 -7.70
C4 NGA C . 7.72 11.66 -8.02
C5 NGA C . 8.32 12.55 -9.09
C6 NGA C . 9.79 12.23 -9.37
C7 NGA C . 3.05 12.75 -8.63
C8 NGA C . 2.08 13.85 -8.29
N2 NGA C . 4.32 13.18 -8.73
O1 NGA C . 5.46 12.43 -11.36
O3 NGA C . 5.70 11.08 -6.90
O4 NGA C . 7.70 10.31 -8.47
O5 NGA C . 7.55 12.41 -10.28
O6 NGA C . 9.89 11.18 -10.33
O7 NGA C . 2.66 11.59 -8.77
C1 GAL C . 5.50 11.29 -5.49
C2 GAL C . 4.56 10.21 -4.99
C3 GAL C . 4.42 10.30 -3.46
C4 GAL C . 5.80 10.22 -2.82
C5 GAL C . 6.63 11.36 -3.39
C6 GAL C . 8.06 11.43 -2.91
O2 GAL C . 3.36 10.37 -5.75
O3 GAL C . 3.67 9.24 -2.88
O4 GAL C . 6.41 8.96 -3.11
O5 GAL C . 6.73 11.18 -4.77
O6 GAL C . 8.09 12.10 -1.63
C1 NGA D . -20.46 -2.84 2.51
C2 NGA D . -19.51 -2.65 1.33
C3 NGA D . -18.51 -3.79 1.02
C4 NGA D . -18.03 -4.48 2.28
C5 NGA D . -19.23 -4.78 3.15
C6 NGA D . -18.86 -5.58 4.40
C7 NGA D . -19.99 -1.24 -0.59
C8 NGA D . -20.84 -1.06 -1.81
N2 NGA D . -20.31 -2.31 0.14
O1 NGA D . -20.88 -1.54 2.98
O3 NGA D . -17.34 -3.26 0.37
O4 NGA D . -17.11 -3.61 2.96
O5 NGA D . -19.79 -3.54 3.55
O6 NGA D . -17.98 -4.82 5.23
O7 NGA D . -19.05 -0.48 -0.29
C1 GAL D . -17.02 -3.89 -0.86
C2 GAL D . -16.13 -3.01 -1.74
C3 GAL D . -15.60 -3.72 -2.97
C4 GAL D . -15.03 -5.09 -2.62
C5 GAL D . -16.10 -5.85 -1.87
C6 GAL D . -15.71 -7.27 -1.56
O2 GAL D . -16.96 -1.94 -2.15
O3 GAL D . -14.56 -2.98 -3.60
O4 GAL D . -13.83 -4.94 -1.83
O5 GAL D . -16.37 -5.15 -0.64
O6 GAL D . -15.65 -7.96 -2.80
CA CA E . 22.05 -3.05 -17.13
CA CA F . 28.38 -3.96 -5.30
CA CA G . -5.83 -5.80 21.26
CA CA H . 0.63 -15.52 15.60
#